data_4Y85
#
_entry.id   4Y85
#
_cell.length_a   147.978
_cell.length_b   85.113
_cell.length_c   85.964
_cell.angle_alpha   90.000
_cell.angle_beta   91.060
_cell.angle_gamma   90.000
#
_symmetry.space_group_name_H-M   'C 1 2 1'
#
loop_
_entity.id
_entity.type
_entity.pdbx_description
1 polymer 'Mitogen-activated protein kinase kinase kinase 8'
2 non-polymer 5-[5-(1H-indol-3-yl)-1H-pyrrolo[2,3-b]pyridin-3-yl]-1,3,4-oxadiazol-2-amine
3 water water
#
_entity_poly.entity_id   1
_entity_poly.type   'polypeptide(L)'
_entity_poly.pdbx_seq_one_letter_code
;GPSGQEVPWLSSVRYGTVEDLLAFANHISNTAKHFYGQRPQESGILLNMVITPQNGRYQIDSDVLLIPWKLTYRNIGSDF
IPRGAFGKVYLAQDIKTKKRMACKLIPVDQFKPSDVEIQACFRHENIAELYGAVLWGETVHLFMEAGEGGSVLEKLESCG
PMREFEIIWVTKHVLKGLDFLHSKKVIHHDIKPSNIVFMSTKAVLVDFGLSVQMTEDVYFPKDLRGTEIYMSPEVILCRG
HSTKADIYSLGATLIHMQTGTPPWVKRYPRSAYPSYLYIIHKQAPPLEDIADDCSPGMRELIEASLERNPNHRPRAADLL
KHEALNPPREDQ
;
_entity_poly.pdbx_strand_id   A,B,C
#
# COMPACT_ATOMS: atom_id res chain seq x y z
N LEU A 10 0.43 -46.35 -12.93
CA LEU A 10 1.40 -45.81 -11.98
C LEU A 10 0.86 -45.85 -10.54
N SER A 11 1.49 -46.70 -9.69
CA SER A 11 1.09 -46.91 -8.30
C SER A 11 2.13 -46.40 -7.28
N SER A 12 3.26 -45.84 -7.76
CA SER A 12 4.34 -45.36 -6.89
C SER A 12 4.93 -44.01 -7.34
N VAL A 13 5.83 -43.43 -6.53
CA VAL A 13 6.54 -42.18 -6.85
C VAL A 13 7.93 -42.60 -7.39
N ARG A 14 8.23 -42.26 -8.64
CA ARG A 14 9.50 -42.64 -9.25
C ARG A 14 10.06 -41.60 -10.20
N TYR A 15 11.36 -41.72 -10.52
CA TYR A 15 12.00 -40.86 -11.49
C TYR A 15 11.44 -41.26 -12.85
N GLY A 16 11.24 -40.28 -13.71
CA GLY A 16 10.71 -40.54 -15.04
C GLY A 16 11.05 -39.47 -16.05
N THR A 17 10.53 -39.65 -17.26
CA THR A 17 10.74 -38.72 -18.38
C THR A 17 9.63 -37.63 -18.38
N VAL A 18 9.82 -36.60 -19.22
CA VAL A 18 8.84 -35.53 -19.44
C VAL A 18 7.56 -36.17 -19.98
N GLU A 19 7.68 -37.14 -20.93
CA GLU A 19 6.56 -37.89 -21.49
C GLU A 19 5.78 -38.62 -20.39
N ASP A 20 6.50 -39.28 -19.44
CA ASP A 20 5.88 -39.99 -18.29
C ASP A 20 5.06 -39.01 -17.45
N LEU A 21 5.65 -37.83 -17.13
CA LEU A 21 5.04 -36.77 -16.34
C LEU A 21 3.79 -36.24 -17.05
N LEU A 22 3.91 -35.99 -18.37
CA LEU A 22 2.84 -35.49 -19.24
C LEU A 22 1.68 -36.48 -19.30
N ALA A 23 1.98 -37.80 -19.42
CA ALA A 23 0.97 -38.86 -19.43
C ALA A 23 0.25 -38.93 -18.07
N PHE A 24 1.02 -38.80 -16.97
CA PHE A 24 0.53 -38.82 -15.58
C PHE A 24 -0.42 -37.63 -15.31
N ALA A 25 -0.02 -36.41 -15.72
CA ALA A 25 -0.81 -35.18 -15.59
C ALA A 25 -2.13 -35.25 -16.39
N ASN A 26 -2.11 -35.87 -17.57
CA ASN A 26 -3.30 -36.03 -18.42
C ASN A 26 -4.29 -37.03 -17.82
N HIS A 27 -3.77 -38.07 -17.14
CA HIS A 27 -4.58 -39.09 -16.47
C HIS A 27 -5.31 -38.53 -15.25
N ILE A 28 -4.71 -37.54 -14.54
CA ILE A 28 -5.31 -36.89 -13.37
C ILE A 28 -6.53 -36.06 -13.80
N SER A 29 -6.32 -35.12 -14.76
CA SER A 29 -7.34 -34.22 -15.29
C SER A 29 -8.50 -34.97 -15.99
N ASN A 30 -8.28 -36.26 -16.32
CA ASN A 30 -9.29 -37.15 -16.92
C ASN A 30 -9.78 -38.19 -15.88
N THR A 31 -9.70 -37.82 -14.56
CA THR A 31 -10.07 -38.60 -13.37
C THR A 31 -9.57 -40.05 -13.43
N PRO A 40 -5.02 -44.50 -3.13
CA PRO A 40 -4.49 -44.90 -1.81
C PRO A 40 -3.11 -44.25 -1.55
N GLN A 41 -2.00 -45.01 -1.78
CA GLN A 41 -0.63 -44.54 -1.64
C GLN A 41 -0.35 -43.46 -2.68
N GLU A 42 0.51 -42.48 -2.36
CA GLU A 42 0.86 -41.42 -3.29
C GLU A 42 1.57 -41.92 -4.54
N SER A 43 1.37 -41.26 -5.68
CA SER A 43 1.98 -41.65 -6.94
C SER A 43 2.50 -40.42 -7.66
N GLY A 44 3.47 -40.60 -8.54
CA GLY A 44 4.01 -39.44 -9.24
C GLY A 44 5.28 -39.67 -10.02
N ILE A 45 5.67 -38.63 -10.77
CA ILE A 45 6.85 -38.65 -11.61
C ILE A 45 7.80 -37.55 -11.17
N LEU A 46 9.08 -37.92 -10.96
CA LEU A 46 10.13 -36.98 -10.58
C LEU A 46 11.10 -36.78 -11.73
N LEU A 47 11.39 -35.53 -12.06
CA LEU A 47 12.27 -35.20 -13.17
C LEU A 47 13.68 -34.85 -12.72
N ASN A 48 13.87 -34.58 -11.42
CA ASN A 48 15.14 -34.12 -10.90
C ASN A 48 15.47 -34.85 -9.61
N MET A 49 16.75 -35.27 -9.46
CA MET A 49 17.27 -36.00 -8.31
C MET A 49 17.42 -35.15 -7.03
N VAL A 50 16.92 -33.90 -7.05
CA VAL A 50 16.84 -33.02 -5.89
C VAL A 50 15.76 -33.60 -4.94
N ILE A 51 14.78 -34.35 -5.50
CA ILE A 51 13.72 -35.02 -4.76
C ILE A 51 14.15 -36.47 -4.65
N THR A 52 14.07 -37.03 -3.42
CA THR A 52 14.48 -38.40 -3.12
C THR A 52 13.28 -39.30 -2.75
N PRO A 53 12.78 -40.15 -3.68
CA PRO A 53 11.74 -41.11 -3.27
C PRO A 53 12.38 -42.21 -2.41
N GLN A 54 11.63 -42.77 -1.47
CA GLN A 54 12.13 -43.83 -0.60
C GLN A 54 11.23 -45.02 -0.78
N ASN A 55 11.72 -46.09 -1.45
CA ASN A 55 10.95 -47.29 -1.74
C ASN A 55 9.63 -46.96 -2.46
N GLY A 56 9.71 -46.07 -3.45
CA GLY A 56 8.57 -45.62 -4.26
C GLY A 56 7.58 -44.70 -3.56
N ARG A 57 7.95 -44.18 -2.37
CA ARG A 57 7.14 -43.28 -1.57
C ARG A 57 7.79 -41.90 -1.49
N TYR A 58 6.99 -40.86 -1.20
CA TYR A 58 7.40 -39.47 -1.00
C TYR A 58 6.32 -38.80 -0.16
N GLN A 59 6.39 -39.03 1.15
CA GLN A 59 5.43 -38.59 2.17
C GLN A 59 5.84 -37.32 2.88
N ILE A 60 4.86 -36.45 3.18
CA ILE A 60 5.00 -35.24 3.98
C ILE A 60 5.31 -35.71 5.39
N ASP A 61 6.28 -35.04 6.07
CA ASP A 61 6.76 -35.32 7.44
C ASP A 61 7.69 -36.56 7.54
N SER A 62 7.89 -37.32 6.45
CA SER A 62 8.78 -38.48 6.45
C SER A 62 9.92 -38.31 5.42
N ASP A 63 9.62 -37.91 4.18
CA ASP A 63 10.64 -37.77 3.12
C ASP A 63 10.81 -36.33 2.69
N VAL A 64 9.81 -35.50 3.00
CA VAL A 64 9.77 -34.09 2.67
C VAL A 64 9.07 -33.32 3.79
N LEU A 65 9.64 -32.18 4.16
CA LEU A 65 9.07 -31.31 5.19
C LEU A 65 8.52 -30.06 4.55
N LEU A 66 7.32 -29.64 4.98
CA LEU A 66 6.71 -28.40 4.52
C LEU A 66 7.05 -27.38 5.60
N ILE A 67 7.99 -26.49 5.27
CA ILE A 67 8.56 -25.48 6.17
C ILE A 67 7.96 -24.10 5.86
N PRO A 68 7.99 -23.14 6.81
CA PRO A 68 7.38 -21.83 6.51
C PRO A 68 8.21 -20.95 5.59
N TRP A 69 7.55 -20.14 4.72
CA TRP A 69 8.27 -19.16 3.89
C TRP A 69 8.75 -18.09 4.87
N LYS A 70 10.02 -17.69 4.77
CA LYS A 70 10.56 -16.65 5.63
C LYS A 70 10.97 -15.44 4.80
N LEU A 71 10.12 -14.40 4.74
CA LEU A 71 10.44 -13.14 4.07
C LEU A 71 11.17 -12.25 5.10
N THR A 72 12.15 -11.46 4.67
CA THR A 72 12.97 -10.64 5.56
C THR A 72 12.47 -9.19 5.75
N TYR A 73 11.29 -8.83 5.20
CA TYR A 73 10.72 -7.49 5.34
C TYR A 73 10.24 -7.24 6.77
N ARG A 74 10.54 -6.06 7.32
CA ARG A 74 10.16 -5.68 8.69
C ARG A 74 8.70 -5.22 8.77
N ASN A 75 8.26 -4.40 7.77
CA ASN A 75 6.92 -3.81 7.66
C ASN A 75 5.79 -4.85 7.67
N ILE A 76 5.94 -5.94 6.89
CA ILE A 76 4.96 -7.03 6.82
C ILE A 76 5.58 -8.34 7.26
N PHE A 80 3.56 -16.38 5.92
CA PHE A 80 2.75 -16.09 4.74
C PHE A 80 2.75 -17.23 3.71
N ILE A 81 1.56 -17.49 3.12
CA ILE A 81 1.34 -18.54 2.12
C ILE A 81 0.77 -17.89 0.83
N PRO A 82 1.59 -17.71 -0.22
CA PRO A 82 1.08 -17.12 -1.47
C PRO A 82 0.05 -17.99 -2.17
N ARG A 83 -0.89 -17.37 -2.89
CA ARG A 83 -1.94 -18.09 -3.61
C ARG A 83 -1.74 -17.95 -5.11
N GLY A 84 -1.68 -19.10 -5.78
CA GLY A 84 -1.57 -19.17 -7.23
C GLY A 84 -2.96 -19.15 -7.83
N ALA A 85 -3.07 -19.40 -9.13
CA ALA A 85 -4.37 -19.40 -9.79
C ALA A 85 -5.23 -20.59 -9.35
N PHE A 86 -4.61 -21.77 -9.13
CA PHE A 86 -5.35 -22.99 -8.76
C PHE A 86 -4.88 -23.69 -7.48
N GLY A 87 -4.08 -23.01 -6.66
CA GLY A 87 -3.65 -23.56 -5.38
C GLY A 87 -2.65 -22.72 -4.63
N LYS A 88 -2.39 -23.07 -3.36
CA LYS A 88 -1.44 -22.36 -2.50
C LYS A 88 -0.02 -22.89 -2.66
N VAL A 89 0.97 -22.02 -2.46
CA VAL A 89 2.38 -22.37 -2.64
C VAL A 89 3.09 -22.37 -1.30
N TYR A 90 3.69 -23.52 -0.94
CA TYR A 90 4.40 -23.74 0.32
C TYR A 90 5.88 -23.95 0.06
N LEU A 91 6.70 -23.78 1.11
CA LEU A 91 8.13 -24.06 1.03
C LEU A 91 8.33 -25.50 1.50
N ALA A 92 9.07 -26.28 0.72
CA ALA A 92 9.33 -27.70 1.02
C ALA A 92 10.83 -27.97 1.02
N GLN A 93 11.26 -28.95 1.83
CA GLN A 93 12.67 -29.34 1.91
C GLN A 93 12.78 -30.85 1.83
N ASP A 94 13.57 -31.34 0.85
CA ASP A 94 13.80 -32.77 0.67
C ASP A 94 14.69 -33.22 1.84
N ILE A 95 14.26 -34.23 2.60
CA ILE A 95 14.99 -34.69 3.79
C ILE A 95 16.41 -35.22 3.44
N LYS A 96 16.58 -35.94 2.33
CA LYS A 96 17.89 -36.46 1.95
C LYS A 96 18.82 -35.38 1.37
N THR A 97 18.36 -34.59 0.38
CA THR A 97 19.22 -33.61 -0.28
C THR A 97 19.28 -32.27 0.42
N LYS A 98 18.27 -31.97 1.28
CA LYS A 98 18.07 -30.70 2.00
C LYS A 98 17.75 -29.54 1.02
N LYS A 99 17.32 -29.90 -0.21
CA LYS A 99 16.96 -28.96 -1.26
C LYS A 99 15.62 -28.31 -0.94
N ARG A 100 15.61 -26.97 -0.94
CA ARG A 100 14.41 -26.17 -0.72
C ARG A 100 13.74 -26.00 -2.07
N MET A 101 12.42 -26.24 -2.10
CA MET A 101 11.61 -26.22 -3.32
C MET A 101 10.25 -25.61 -3.03
N ALA A 102 9.64 -24.98 -4.03
CA ALA A 102 8.27 -24.49 -3.90
C ALA A 102 7.37 -25.70 -4.12
N CYS A 103 6.31 -25.79 -3.34
CA CYS A 103 5.36 -26.86 -3.45
C CYS A 103 3.96 -26.29 -3.51
N LYS A 104 3.39 -26.32 -4.72
CA LYS A 104 2.05 -25.81 -5.01
C LYS A 104 1.05 -26.96 -4.86
N LEU A 105 0.05 -26.76 -4.01
CA LEU A 105 -0.97 -27.78 -3.74
C LEU A 105 -2.21 -27.44 -4.55
N ILE A 106 -2.59 -28.31 -5.49
CA ILE A 106 -3.74 -28.08 -6.37
C ILE A 106 -4.80 -29.16 -6.20
N PRO A 107 -6.07 -28.81 -5.85
CA PRO A 107 -7.13 -29.84 -5.82
C PRO A 107 -7.31 -30.41 -7.24
N VAL A 108 -7.40 -31.75 -7.36
CA VAL A 108 -7.55 -32.47 -8.63
C VAL A 108 -8.64 -31.86 -9.54
N ASP A 109 -9.79 -31.44 -8.95
CA ASP A 109 -10.92 -30.79 -9.65
C ASP A 109 -10.49 -29.50 -10.36
N GLN A 110 -9.50 -28.79 -9.81
CA GLN A 110 -8.97 -27.52 -10.35
C GLN A 110 -7.69 -27.71 -11.19
N PHE A 111 -7.16 -28.95 -11.27
CA PHE A 111 -5.91 -29.22 -11.98
C PHE A 111 -6.01 -29.12 -13.51
N LYS A 112 -5.23 -28.18 -14.07
CA LYS A 112 -5.10 -27.95 -15.51
C LYS A 112 -3.70 -28.48 -15.93
N PRO A 113 -3.61 -29.34 -16.97
CA PRO A 113 -2.28 -29.89 -17.36
C PRO A 113 -1.21 -28.84 -17.71
N SER A 114 -1.60 -27.61 -18.07
CA SER A 114 -0.69 -26.51 -18.38
C SER A 114 0.16 -26.08 -17.17
N ASP A 115 -0.32 -26.40 -15.94
CA ASP A 115 0.39 -26.15 -14.69
C ASP A 115 1.67 -27.01 -14.61
N VAL A 116 1.82 -28.00 -15.51
CA VAL A 116 3.04 -28.84 -15.61
C VAL A 116 3.65 -28.84 -17.02
N GLU A 117 2.80 -28.83 -18.07
CA GLU A 117 3.19 -28.90 -19.49
C GLU A 117 4.24 -27.89 -19.94
N ILE A 118 4.08 -26.62 -19.58
CA ILE A 118 5.03 -25.60 -20.02
C ILE A 118 6.40 -25.81 -19.40
N GLN A 119 6.45 -25.95 -18.07
CA GLN A 119 7.68 -26.13 -17.30
C GLN A 119 8.38 -27.45 -17.59
N ALA A 120 7.63 -28.49 -17.97
CA ALA A 120 8.20 -29.78 -18.32
C ALA A 120 8.81 -29.78 -19.73
N CYS A 121 8.15 -29.14 -20.71
CA CYS A 121 8.59 -29.14 -22.10
C CYS A 121 9.60 -28.07 -22.45
N PHE A 122 9.56 -26.95 -21.77
CA PHE A 122 10.41 -25.81 -22.07
C PHE A 122 11.26 -25.46 -20.87
N ARG A 123 12.55 -25.16 -21.11
CA ARG A 123 13.55 -24.83 -20.10
C ARG A 123 14.24 -23.52 -20.39
N HIS A 124 14.22 -22.59 -19.41
CA HIS A 124 14.86 -21.28 -19.53
C HIS A 124 15.20 -20.78 -18.13
N GLU A 125 16.28 -19.99 -17.99
CA GLU A 125 16.73 -19.44 -16.71
C GLU A 125 15.67 -18.57 -16.03
N ASN A 126 14.79 -17.91 -16.81
CA ASN A 126 13.77 -17.00 -16.28
C ASN A 126 12.37 -17.61 -16.17
N ILE A 127 12.29 -18.95 -16.31
CA ILE A 127 11.06 -19.75 -16.18
C ILE A 127 11.32 -20.74 -15.03
N ALA A 128 10.43 -20.79 -14.02
CA ALA A 128 10.63 -21.69 -12.87
C ALA A 128 10.67 -23.15 -13.29
N GLU A 129 11.67 -23.86 -12.79
CA GLU A 129 11.87 -25.27 -13.12
C GLU A 129 10.87 -26.16 -12.39
N LEU A 130 10.44 -27.25 -13.04
CA LEU A 130 9.56 -28.23 -12.44
C LEU A 130 10.42 -29.43 -12.03
N TYR A 131 10.38 -29.80 -10.74
CA TYR A 131 11.15 -30.92 -10.21
C TYR A 131 10.40 -32.25 -10.22
N GLY A 132 9.10 -32.20 -9.96
CA GLY A 132 8.26 -33.38 -9.91
C GLY A 132 6.82 -33.07 -9.55
N ALA A 133 5.94 -34.04 -9.77
CA ALA A 133 4.52 -33.93 -9.49
C ALA A 133 4.09 -35.19 -8.74
N VAL A 134 3.41 -35.02 -7.60
CA VAL A 134 2.96 -36.12 -6.76
C VAL A 134 1.46 -35.97 -6.47
N LEU A 135 0.71 -37.04 -6.70
CA LEU A 135 -0.71 -37.08 -6.41
C LEU A 135 -0.92 -37.87 -5.11
N TRP A 136 -1.61 -37.24 -4.15
CA TRP A 136 -2.03 -37.88 -2.90
C TRP A 136 -3.37 -37.32 -2.48
N GLY A 137 -4.31 -38.23 -2.24
CA GLY A 137 -5.68 -37.90 -1.89
C GLY A 137 -6.33 -37.33 -3.12
N GLU A 138 -6.87 -36.13 -3.00
CA GLU A 138 -7.46 -35.45 -4.15
C GLU A 138 -6.65 -34.16 -4.43
N THR A 139 -5.32 -34.20 -4.11
CA THR A 139 -4.40 -33.07 -4.26
C THR A 139 -3.18 -33.42 -5.10
N VAL A 140 -2.84 -32.52 -6.03
CA VAL A 140 -1.66 -32.59 -6.88
C VAL A 140 -0.62 -31.66 -6.23
N HIS A 141 0.57 -32.21 -5.93
CA HIS A 141 1.69 -31.49 -5.32
C HIS A 141 2.77 -31.25 -6.37
N LEU A 142 2.96 -29.97 -6.75
CA LEU A 142 3.96 -29.58 -7.75
C LEU A 142 5.21 -29.02 -7.10
N PHE A 143 6.32 -29.78 -7.20
CA PHE A 143 7.61 -29.42 -6.67
C PHE A 143 8.34 -28.64 -7.75
N MET A 144 8.70 -27.40 -7.43
CA MET A 144 9.32 -26.46 -8.37
C MET A 144 10.46 -25.70 -7.75
N GLU A 145 11.20 -24.97 -8.60
CA GLU A 145 12.27 -24.05 -8.23
C GLU A 145 11.66 -22.98 -7.30
N ALA A 146 12.29 -22.75 -6.14
CA ALA A 146 11.79 -21.81 -5.12
C ALA A 146 12.37 -20.42 -5.22
N GLY A 147 11.48 -19.43 -5.13
CA GLY A 147 11.80 -18.02 -5.11
C GLY A 147 11.72 -17.58 -3.67
N GLU A 148 12.76 -17.89 -2.92
CA GLU A 148 12.82 -17.67 -1.48
C GLU A 148 12.80 -16.20 -1.07
N GLY A 149 13.11 -15.28 -2.01
CA GLY A 149 13.05 -13.85 -1.76
C GLY A 149 11.65 -13.30 -1.93
N GLY A 150 10.69 -14.19 -2.16
CA GLY A 150 9.30 -13.82 -2.39
C GLY A 150 9.10 -13.26 -3.78
N SER A 151 7.95 -12.65 -4.01
CA SER A 151 7.58 -12.05 -5.30
C SER A 151 7.70 -10.53 -5.30
N VAL A 152 7.54 -9.92 -6.49
CA VAL A 152 7.55 -8.46 -6.65
C VAL A 152 6.44 -7.81 -5.79
N LEU A 153 5.26 -8.46 -5.65
CA LEU A 153 4.17 -7.95 -4.83
C LEU A 153 4.57 -7.65 -3.36
N GLU A 154 5.23 -8.59 -2.67
CA GLU A 154 5.68 -8.40 -1.28
C GLU A 154 6.71 -7.28 -1.15
N LYS A 155 7.55 -7.12 -2.17
CA LYS A 155 8.53 -6.05 -2.18
C LYS A 155 7.81 -4.71 -2.26
N LEU A 156 6.81 -4.61 -3.13
CA LEU A 156 6.02 -3.39 -3.32
C LEU A 156 5.19 -3.07 -2.09
N GLU A 157 4.53 -4.09 -1.52
CA GLU A 157 3.68 -3.95 -0.33
C GLU A 157 4.43 -3.46 0.91
N SER A 158 5.71 -3.80 1.05
CA SER A 158 6.52 -3.41 2.22
C SER A 158 7.46 -2.22 2.02
N CYS A 159 8.01 -2.03 0.80
CA CYS A 159 8.98 -0.97 0.50
C CYS A 159 8.42 0.18 -0.33
N GLY A 160 7.20 0.02 -0.83
CA GLY A 160 6.56 1.04 -1.66
C GLY A 160 7.07 1.01 -3.08
N PRO A 161 7.14 2.18 -3.79
CA PRO A 161 7.63 2.17 -5.18
C PRO A 161 9.08 1.68 -5.32
N MET A 162 9.33 0.91 -6.38
CA MET A 162 10.65 0.37 -6.66
C MET A 162 11.52 1.43 -7.33
N ARG A 163 12.83 1.43 -7.01
CA ARG A 163 13.80 2.36 -7.63
C ARG A 163 13.93 1.94 -9.10
N GLU A 164 14.24 2.89 -9.99
CA GLU A 164 14.39 2.64 -11.43
C GLU A 164 15.33 1.48 -11.78
N PHE A 165 16.50 1.41 -11.12
CA PHE A 165 17.47 0.33 -11.34
C PHE A 165 16.90 -1.05 -11.00
N GLU A 166 16.00 -1.13 -10.00
CA GLU A 166 15.36 -2.38 -9.58
C GLU A 166 14.32 -2.80 -10.64
N ILE A 167 13.57 -1.81 -11.17
CA ILE A 167 12.58 -2.04 -12.22
C ILE A 167 13.29 -2.57 -13.47
N ILE A 168 14.39 -1.90 -13.91
CA ILE A 168 15.21 -2.30 -15.06
C ILE A 168 15.69 -3.74 -14.92
N TRP A 169 16.31 -4.09 -13.76
CA TRP A 169 16.84 -5.42 -13.46
C TRP A 169 15.76 -6.50 -13.54
N VAL A 170 14.57 -6.25 -12.96
CA VAL A 170 13.43 -7.18 -12.94
C VAL A 170 12.86 -7.33 -14.37
N THR A 171 12.55 -6.19 -15.04
CA THR A 171 12.01 -6.10 -16.41
C THR A 171 12.85 -6.91 -17.39
N LYS A 172 14.18 -6.78 -17.33
CA LYS A 172 15.11 -7.50 -18.18
C LYS A 172 14.97 -9.03 -18.06
N HIS A 173 14.81 -9.55 -16.82
CA HIS A 173 14.62 -10.98 -16.55
C HIS A 173 13.26 -11.45 -17.06
N VAL A 174 12.20 -10.68 -16.76
CA VAL A 174 10.82 -10.94 -17.20
C VAL A 174 10.73 -10.96 -18.72
N LEU A 175 11.31 -9.96 -19.37
CA LEU A 175 11.38 -9.84 -20.82
C LEU A 175 12.13 -10.99 -21.51
N LYS A 176 13.22 -11.53 -20.90
CA LYS A 176 13.94 -12.69 -21.46
C LYS A 176 13.06 -13.98 -21.37
N GLY A 177 12.29 -14.09 -20.28
CA GLY A 177 11.36 -15.19 -20.05
C GLY A 177 10.20 -15.15 -21.02
N LEU A 178 9.61 -13.95 -21.22
CA LEU A 178 8.52 -13.71 -22.16
C LEU A 178 8.98 -13.89 -23.60
N ASP A 179 10.16 -13.36 -23.96
CA ASP A 179 10.74 -13.52 -25.29
C ASP A 179 10.89 -14.99 -25.65
N PHE A 180 11.35 -15.80 -24.70
CA PHE A 180 11.47 -17.24 -24.82
C PHE A 180 10.07 -17.87 -24.97
N LEU A 181 9.14 -17.62 -24.03
CA LEU A 181 7.77 -18.16 -24.09
C LEU A 181 7.03 -17.86 -25.39
N HIS A 182 7.11 -16.59 -25.83
CA HIS A 182 6.45 -16.11 -27.05
C HIS A 182 7.08 -16.70 -28.30
N SER A 183 8.39 -17.04 -28.28
CA SER A 183 9.11 -17.70 -29.38
C SER A 183 8.53 -19.09 -29.61
N LYS A 184 7.99 -19.68 -28.52
CA LYS A 184 7.43 -21.01 -28.47
C LYS A 184 5.90 -21.02 -28.60
N LYS A 185 5.32 -19.84 -28.88
CA LYS A 185 3.88 -19.57 -29.07
C LYS A 185 3.07 -19.81 -27.77
N VAL A 186 3.69 -19.50 -26.61
CA VAL A 186 3.06 -19.65 -25.31
C VAL A 186 2.62 -18.25 -24.79
N ILE A 187 1.34 -18.13 -24.43
CA ILE A 187 0.82 -16.93 -23.78
C ILE A 187 0.76 -17.30 -22.30
N HIS A 188 1.47 -16.56 -21.43
CA HIS A 188 1.46 -16.79 -20.00
C HIS A 188 0.03 -16.57 -19.43
N HIS A 189 -0.63 -15.47 -19.84
CA HIS A 189 -2.00 -15.05 -19.48
C HIS A 189 -2.17 -14.41 -18.11
N ASP A 190 -1.14 -14.40 -17.24
CA ASP A 190 -1.28 -13.80 -15.93
C ASP A 190 0.02 -13.14 -15.41
N ILE A 191 0.60 -12.25 -16.25
CA ILE A 191 1.79 -11.49 -15.91
C ILE A 191 1.36 -10.39 -14.95
N LYS A 192 1.93 -10.42 -13.72
CA LYS A 192 1.62 -9.50 -12.62
C LYS A 192 2.69 -9.61 -11.54
N PRO A 193 2.78 -8.66 -10.55
CA PRO A 193 3.85 -8.74 -9.55
C PRO A 193 3.97 -10.06 -8.77
N SER A 194 2.84 -10.67 -8.38
CA SER A 194 2.86 -11.93 -7.60
C SER A 194 3.39 -13.15 -8.37
N ASN A 195 3.47 -13.07 -9.72
CA ASN A 195 3.96 -14.15 -10.58
C ASN A 195 5.41 -13.95 -11.07
N ILE A 196 6.14 -13.00 -10.46
CA ILE A 196 7.54 -12.71 -10.76
C ILE A 196 8.23 -12.88 -9.41
N VAL A 197 9.07 -13.91 -9.29
CA VAL A 197 9.69 -14.23 -8.00
C VAL A 197 11.22 -13.99 -8.00
N PHE A 198 11.75 -13.56 -6.84
CA PHE A 198 13.16 -13.29 -6.64
C PHE A 198 13.90 -14.54 -6.21
N MET A 199 14.96 -14.84 -6.94
CA MET A 199 15.88 -15.93 -6.63
C MET A 199 17.24 -15.26 -6.37
N SER A 200 18.24 -15.99 -5.88
CA SER A 200 19.52 -15.37 -5.49
C SER A 200 20.14 -14.39 -6.51
N THR A 201 20.13 -14.73 -7.82
CA THR A 201 20.78 -13.96 -8.88
C THR A 201 19.89 -13.58 -10.05
N LYS A 202 18.57 -13.85 -9.96
CA LYS A 202 17.63 -13.61 -11.03
C LYS A 202 16.19 -13.48 -10.54
N ALA A 203 15.32 -12.95 -11.41
CA ALA A 203 13.88 -12.87 -11.22
C ALA A 203 13.33 -13.89 -12.23
N VAL A 204 12.32 -14.64 -11.79
CA VAL A 204 11.75 -15.75 -12.55
C VAL A 204 10.22 -15.67 -12.66
N LEU A 205 9.66 -16.15 -13.79
CA LEU A 205 8.23 -16.24 -14.02
C LEU A 205 7.67 -17.55 -13.48
N VAL A 206 6.54 -17.45 -12.77
CA VAL A 206 5.86 -18.60 -12.17
C VAL A 206 4.38 -18.66 -12.62
N ASP A 207 3.69 -19.78 -12.32
CA ASP A 207 2.26 -20.06 -12.54
C ASP A 207 1.86 -20.11 -13.99
N PHE A 208 1.77 -21.33 -14.53
CA PHE A 208 1.41 -21.58 -15.92
C PHE A 208 0.04 -22.24 -16.04
N GLY A 209 -0.75 -22.18 -14.97
CA GLY A 209 -2.10 -22.71 -14.92
C GLY A 209 -3.07 -22.08 -15.91
N LEU A 210 -2.82 -20.83 -16.30
CA LEU A 210 -3.70 -20.13 -17.26
C LEU A 210 -3.06 -19.99 -18.64
N SER A 211 -1.81 -20.48 -18.78
CA SER A 211 -1.07 -20.39 -20.04
C SER A 211 -1.68 -21.25 -21.16
N VAL A 212 -1.51 -20.82 -22.40
CA VAL A 212 -1.99 -21.55 -23.58
C VAL A 212 -0.90 -21.67 -24.65
N GLN A 213 -0.91 -22.78 -25.38
CA GLN A 213 0.00 -23.03 -26.48
C GLN A 213 -0.76 -22.76 -27.77
N MET A 214 -0.40 -21.67 -28.44
CA MET A 214 -1.03 -21.26 -29.69
C MET A 214 -0.64 -22.20 -30.82
N THR A 215 -1.60 -22.45 -31.73
CA THR A 215 -1.40 -23.30 -32.90
C THR A 215 -1.59 -22.47 -34.16
N GLU A 216 -2.25 -21.31 -34.02
CA GLU A 216 -2.53 -20.33 -35.05
C GLU A 216 -1.96 -18.97 -34.62
N ASP A 217 -2.01 -17.96 -35.49
CA ASP A 217 -1.50 -16.61 -35.20
C ASP A 217 -2.40 -15.88 -34.21
N VAL A 218 -3.66 -16.33 -34.09
CA VAL A 218 -4.67 -15.76 -33.18
C VAL A 218 -5.22 -16.90 -32.30
N TYR A 219 -5.34 -16.62 -31.00
CA TYR A 219 -5.92 -17.54 -30.05
C TYR A 219 -7.33 -17.04 -29.69
N PHE A 220 -8.34 -17.91 -29.85
CA PHE A 220 -9.74 -17.57 -29.54
C PHE A 220 -10.11 -18.13 -28.17
N PRO A 221 -10.29 -17.25 -27.16
CA PRO A 221 -10.55 -17.74 -25.80
C PRO A 221 -11.91 -18.41 -25.59
N LYS A 222 -11.92 -19.43 -24.73
CA LYS A 222 -13.11 -20.18 -24.36
C LYS A 222 -13.77 -19.51 -23.17
N ASP A 223 -12.97 -18.87 -22.33
CA ASP A 223 -13.35 -18.16 -21.10
C ASP A 223 -12.55 -16.85 -20.96
N LEU A 224 -12.80 -16.09 -19.88
CA LEU A 224 -12.07 -14.86 -19.57
C LEU A 224 -11.02 -15.24 -18.51
N ARG A 225 -9.73 -15.16 -18.89
CA ARG A 225 -8.58 -15.52 -18.05
C ARG A 225 -7.74 -14.32 -17.70
N GLY A 226 -7.21 -14.32 -16.48
CA GLY A 226 -6.29 -13.30 -16.00
C GLY A 226 -6.81 -12.47 -14.84
N THR A 227 -5.96 -11.53 -14.38
CA THR A 227 -6.25 -10.58 -13.32
C THR A 227 -6.63 -9.30 -14.05
N GLU A 228 -7.87 -8.85 -13.81
CA GLU A 228 -8.50 -7.69 -14.44
C GLU A 228 -7.65 -6.43 -14.50
N ILE A 229 -6.99 -6.04 -13.37
CA ILE A 229 -6.16 -4.82 -13.31
C ILE A 229 -5.05 -4.79 -14.40
N TYR A 230 -4.48 -5.96 -14.71
CA TYR A 230 -3.37 -6.14 -15.67
C TYR A 230 -3.84 -6.66 -17.03
N MET A 231 -5.16 -6.75 -17.23
CA MET A 231 -5.80 -7.30 -18.42
C MET A 231 -5.88 -6.28 -19.59
N SER A 232 -5.49 -6.73 -20.78
CA SER A 232 -5.53 -5.92 -22.00
C SER A 232 -6.96 -5.78 -22.53
N PRO A 233 -7.27 -4.70 -23.31
CA PRO A 233 -8.64 -4.57 -23.87
C PRO A 233 -9.06 -5.73 -24.77
N GLU A 234 -8.12 -6.32 -25.55
CA GLU A 234 -8.42 -7.43 -26.45
C GLU A 234 -8.74 -8.74 -25.70
N VAL A 235 -8.20 -8.93 -24.48
CA VAL A 235 -8.52 -10.09 -23.65
C VAL A 235 -9.97 -9.93 -23.12
N ILE A 236 -10.31 -8.71 -22.63
CA ILE A 236 -11.64 -8.34 -22.13
C ILE A 236 -12.73 -8.58 -23.22
N LEU A 237 -12.42 -8.20 -24.49
CA LEU A 237 -13.33 -8.38 -25.63
C LEU A 237 -13.66 -9.83 -25.98
N CYS A 238 -12.75 -10.79 -25.72
CA CYS A 238 -12.93 -12.23 -26.01
C CYS A 238 -13.14 -12.54 -27.52
N ARG A 239 -12.66 -11.65 -28.40
CA ARG A 239 -12.78 -11.82 -29.86
C ARG A 239 -11.50 -12.42 -30.49
N GLY A 240 -10.53 -12.75 -29.64
CA GLY A 240 -9.25 -13.30 -30.08
C GLY A 240 -8.09 -12.38 -29.77
N HIS A 241 -6.98 -12.99 -29.32
CA HIS A 241 -5.75 -12.27 -28.96
C HIS A 241 -4.50 -13.15 -29.15
N SER A 242 -3.32 -12.65 -28.76
CA SER A 242 -2.08 -13.39 -28.93
C SER A 242 -1.12 -13.18 -27.76
N THR A 243 0.18 -13.41 -27.99
CA THR A 243 1.26 -13.23 -27.01
C THR A 243 1.38 -11.77 -26.56
N LYS A 244 0.93 -10.82 -27.41
CA LYS A 244 0.91 -9.38 -27.16
C LYS A 244 0.11 -9.02 -25.91
N ALA A 245 -0.83 -9.90 -25.51
CA ALA A 245 -1.64 -9.76 -24.30
C ALA A 245 -0.72 -9.66 -23.05
N ASP A 246 0.36 -10.45 -23.00
CA ASP A 246 1.36 -10.46 -21.93
C ASP A 246 2.19 -9.20 -21.87
N ILE A 247 2.40 -8.53 -23.04
CA ILE A 247 3.17 -7.30 -23.17
C ILE A 247 2.44 -6.16 -22.46
N TYR A 248 1.11 -6.06 -22.67
CA TYR A 248 0.28 -5.07 -22.01
C TYR A 248 0.29 -5.34 -20.50
N SER A 249 0.13 -6.63 -20.08
CA SER A 249 0.14 -7.03 -18.66
C SER A 249 1.43 -6.61 -17.97
N LEU A 250 2.55 -6.67 -18.72
CA LEU A 250 3.86 -6.23 -18.24
C LEU A 250 3.86 -4.72 -18.04
N GLY A 251 3.26 -3.97 -18.96
CA GLY A 251 3.14 -2.52 -18.87
C GLY A 251 2.35 -2.11 -17.63
N ALA A 252 1.26 -2.83 -17.35
CA ALA A 252 0.42 -2.61 -16.17
C ALA A 252 1.20 -2.96 -14.88
N THR A 253 2.04 -4.02 -14.92
CA THR A 253 2.94 -4.48 -13.85
C THR A 253 4.01 -3.38 -13.58
N LEU A 254 4.55 -2.78 -14.67
CA LEU A 254 5.53 -1.69 -14.63
C LEU A 254 4.96 -0.44 -13.91
N ILE A 255 3.69 -0.09 -14.18
CA ILE A 255 3.02 1.04 -13.49
C ILE A 255 2.97 0.75 -11.98
N HIS A 256 2.58 -0.48 -11.60
CA HIS A 256 2.49 -0.90 -10.19
C HIS A 256 3.87 -0.80 -9.51
N MET A 257 4.95 -1.23 -10.22
CA MET A 257 6.33 -1.20 -9.73
C MET A 257 6.87 0.23 -9.54
N GLN A 258 6.58 1.13 -10.50
CA GLN A 258 7.05 2.52 -10.49
C GLN A 258 6.32 3.41 -9.49
N THR A 259 5.00 3.19 -9.28
CA THR A 259 4.16 4.00 -8.40
C THR A 259 3.89 3.38 -7.02
N GLY A 260 4.01 2.05 -6.91
CA GLY A 260 3.74 1.31 -5.68
C GLY A 260 2.28 0.93 -5.53
N THR A 261 1.45 1.34 -6.49
CA THR A 261 0.00 1.12 -6.49
C THR A 261 -0.39 0.56 -7.87
N PRO A 262 -1.29 -0.45 -7.96
CA PRO A 262 -1.67 -0.97 -9.30
C PRO A 262 -2.40 0.09 -10.13
N PRO A 263 -2.35 0.08 -11.48
CA PRO A 263 -3.14 1.07 -12.25
C PRO A 263 -4.63 0.87 -11.97
N TRP A 264 -5.45 1.90 -12.28
CA TRP A 264 -6.91 1.92 -12.05
C TRP A 264 -7.35 2.11 -10.60
N VAL A 265 -6.59 1.61 -9.61
CA VAL A 265 -6.94 1.60 -8.18
C VAL A 265 -7.14 3.03 -7.59
N LYS A 266 -6.24 4.00 -7.88
CA LYS A 266 -6.37 5.36 -7.34
C LYS A 266 -7.48 6.16 -8.02
N ARG A 267 -7.56 6.09 -9.36
CA ARG A 267 -8.57 6.83 -10.14
C ARG A 267 -9.96 6.21 -9.99
N TYR A 268 -10.06 4.87 -9.98
CA TYR A 268 -11.33 4.15 -9.91
C TYR A 268 -11.37 3.11 -8.78
N PRO A 269 -11.41 3.51 -7.48
CA PRO A 269 -11.49 2.50 -6.40
C PRO A 269 -12.76 1.67 -6.49
N ARG A 270 -12.65 0.37 -6.12
CA ARG A 270 -13.77 -0.57 -6.15
C ARG A 270 -14.44 -0.67 -4.81
N SER A 271 -15.77 -0.51 -4.80
CA SER A 271 -16.61 -0.65 -3.61
C SER A 271 -17.84 -1.46 -4.00
N ALA A 272 -18.96 -0.80 -4.39
CA ALA A 272 -20.21 -1.47 -4.78
C ALA A 272 -20.06 -2.40 -5.98
N TYR A 273 -19.21 -2.01 -6.95
CA TYR A 273 -18.97 -2.76 -8.18
C TYR A 273 -17.53 -3.19 -8.29
N PRO A 274 -17.22 -4.48 -8.04
CA PRO A 274 -15.81 -4.92 -8.07
C PRO A 274 -15.17 -5.02 -9.47
N SER A 275 -15.98 -5.10 -10.53
CA SER A 275 -15.46 -5.26 -11.90
C SER A 275 -14.81 -4.01 -12.48
N TYR A 276 -13.68 -4.22 -13.17
CA TYR A 276 -12.90 -3.21 -13.88
C TYR A 276 -13.05 -3.39 -15.39
N LEU A 277 -13.78 -4.45 -15.83
CA LEU A 277 -13.98 -4.79 -17.24
C LEU A 277 -14.46 -3.64 -18.11
N TYR A 278 -15.47 -2.87 -17.65
CA TYR A 278 -16.03 -1.71 -18.37
C TYR A 278 -15.05 -0.55 -18.45
N ILE A 279 -14.43 -0.17 -17.32
CA ILE A 279 -13.44 0.92 -17.21
C ILE A 279 -12.26 0.66 -18.15
N ILE A 280 -11.61 -0.52 -18.03
CA ILE A 280 -10.45 -0.88 -18.85
C ILE A 280 -10.81 -0.86 -20.35
N HIS A 281 -11.95 -1.45 -20.73
CA HIS A 281 -12.37 -1.46 -22.12
C HIS A 281 -12.57 -0.05 -22.69
N LYS A 282 -13.20 0.85 -21.91
CA LYS A 282 -13.42 2.21 -22.38
C LYS A 282 -12.21 3.15 -22.23
N GLN A 283 -11.38 2.98 -21.18
CA GLN A 283 -10.31 3.93 -20.87
C GLN A 283 -8.87 3.44 -21.04
N ALA A 284 -8.62 2.15 -21.38
CA ALA A 284 -7.24 1.67 -21.53
C ALA A 284 -6.58 2.30 -22.78
N PRO A 285 -5.26 2.62 -22.77
CA PRO A 285 -4.25 2.38 -21.72
C PRO A 285 -4.33 3.30 -20.50
N PRO A 286 -3.93 2.83 -19.28
CA PRO A 286 -3.97 3.72 -18.11
C PRO A 286 -2.69 4.59 -18.00
N LEU A 287 -2.42 5.38 -19.04
CA LEU A 287 -1.26 6.28 -19.13
C LEU A 287 -1.20 7.33 -18.02
N GLU A 288 -2.37 7.83 -17.56
CA GLU A 288 -2.51 8.78 -16.47
C GLU A 288 -1.90 8.26 -15.14
N ASP A 289 -1.80 6.93 -15.00
CA ASP A 289 -1.30 6.29 -13.78
C ASP A 289 0.25 6.25 -13.68
N ILE A 290 0.97 6.60 -14.77
CA ILE A 290 2.44 6.70 -14.75
C ILE A 290 2.76 7.95 -13.89
N ALA A 291 3.63 7.79 -12.85
CA ALA A 291 3.99 8.87 -11.93
C ALA A 291 4.86 9.95 -12.62
N ASP A 292 4.85 11.19 -12.08
CA ASP A 292 5.62 12.32 -12.62
C ASP A 292 7.14 12.16 -12.43
N ASP A 293 7.55 11.38 -11.41
CA ASP A 293 8.96 11.09 -11.09
C ASP A 293 9.61 10.09 -12.08
N CYS A 294 8.81 9.58 -13.04
CA CYS A 294 9.23 8.63 -14.07
C CYS A 294 10.19 9.28 -15.09
N SER A 295 11.28 8.57 -15.43
CA SER A 295 12.29 9.04 -16.40
C SER A 295 11.74 8.97 -17.86
N PRO A 296 12.27 9.78 -18.81
CA PRO A 296 11.77 9.73 -20.20
C PRO A 296 11.86 8.36 -20.85
N GLY A 297 12.97 7.65 -20.62
CA GLY A 297 13.21 6.31 -21.12
C GLY A 297 12.21 5.31 -20.60
N MET A 298 12.02 5.27 -19.26
CA MET A 298 11.08 4.39 -18.58
C MET A 298 9.64 4.65 -19.06
N ARG A 299 9.27 5.94 -19.20
CA ARG A 299 7.96 6.38 -19.66
C ARG A 299 7.67 5.84 -21.06
N GLU A 300 8.66 5.96 -21.99
CA GLU A 300 8.55 5.49 -23.36
C GLU A 300 8.32 3.96 -23.41
N LEU A 301 9.03 3.22 -22.54
CA LEU A 301 8.94 1.78 -22.40
C LEU A 301 7.54 1.35 -21.92
N ILE A 302 7.02 2.00 -20.86
CA ILE A 302 5.68 1.73 -20.31
C ILE A 302 4.58 2.09 -21.36
N GLU A 303 4.68 3.28 -21.98
CA GLU A 303 3.72 3.74 -22.99
C GLU A 303 3.61 2.78 -24.19
N ALA A 304 4.75 2.29 -24.73
CA ALA A 304 4.77 1.32 -25.85
C ALA A 304 4.20 -0.05 -25.40
N SER A 305 4.53 -0.50 -24.19
CA SER A 305 4.01 -1.76 -23.61
C SER A 305 2.49 -1.77 -23.55
N LEU A 306 1.87 -0.61 -23.21
CA LEU A 306 0.43 -0.45 -23.02
C LEU A 306 -0.39 -0.11 -24.28
N GLU A 307 0.27 0.05 -25.43
CA GLU A 307 -0.36 0.37 -26.72
C GLU A 307 -1.72 -0.36 -26.92
N ARG A 308 -2.82 0.38 -27.15
CA ARG A 308 -4.18 -0.19 -27.25
C ARG A 308 -4.33 -1.22 -28.37
N ASN A 309 -3.77 -0.92 -29.56
CA ASN A 309 -3.76 -1.82 -30.70
C ASN A 309 -2.61 -2.86 -30.51
N PRO A 310 -2.92 -4.17 -30.29
CA PRO A 310 -1.84 -5.17 -30.13
C PRO A 310 -0.88 -5.29 -31.32
N ASN A 311 -1.35 -4.99 -32.55
CA ASN A 311 -0.53 -4.99 -33.78
C ASN A 311 0.57 -3.92 -33.73
N HIS A 312 0.29 -2.80 -33.04
CA HIS A 312 1.23 -1.71 -32.87
C HIS A 312 2.09 -1.88 -31.61
N ARG A 313 1.66 -2.75 -30.67
CA ARG A 313 2.38 -3.06 -29.41
C ARG A 313 3.69 -3.81 -29.68
N PRO A 314 4.85 -3.46 -29.07
CA PRO A 314 6.10 -4.18 -29.37
C PRO A 314 6.16 -5.59 -28.80
N ARG A 315 7.00 -6.44 -29.40
CA ARG A 315 7.24 -7.79 -28.89
C ARG A 315 8.23 -7.66 -27.73
N ALA A 316 8.36 -8.70 -26.91
CA ALA A 316 9.33 -8.78 -25.81
C ALA A 316 10.75 -8.58 -26.37
N ALA A 317 11.05 -9.18 -27.55
CA ALA A 317 12.34 -9.06 -28.25
C ALA A 317 12.65 -7.59 -28.60
N ASP A 318 11.62 -6.84 -29.01
CA ASP A 318 11.71 -5.41 -29.35
C ASP A 318 11.97 -4.55 -28.11
N LEU A 319 11.25 -4.83 -27.00
CA LEU A 319 11.42 -4.12 -25.73
C LEU A 319 12.81 -4.28 -25.11
N LEU A 320 13.47 -5.43 -25.34
CA LEU A 320 14.83 -5.71 -24.85
C LEU A 320 15.88 -4.80 -25.51
N LYS A 321 15.57 -4.27 -26.72
CA LYS A 321 16.44 -3.37 -27.47
C LYS A 321 16.27 -1.90 -27.04
N HIS A 322 15.25 -1.59 -26.22
CA HIS A 322 14.94 -0.24 -25.72
C HIS A 322 16.10 0.39 -24.92
N GLU A 323 16.28 1.71 -25.07
CA GLU A 323 17.31 2.51 -24.41
C GLU A 323 17.24 2.43 -22.88
N ALA A 324 16.01 2.41 -22.32
CA ALA A 324 15.74 2.35 -20.87
C ALA A 324 16.32 1.12 -20.17
N LEU A 325 16.55 0.01 -20.90
CA LEU A 325 17.06 -1.24 -20.33
C LEU A 325 18.48 -1.56 -20.77
N ASN A 326 19.18 -0.59 -21.37
CA ASN A 326 20.57 -0.77 -21.85
C ASN A 326 21.49 0.40 -21.43
N PRO A 327 22.82 0.18 -21.26
CA PRO A 327 23.71 1.29 -20.86
C PRO A 327 23.83 2.41 -21.90
N LEU B 10 -40.76 1.33 -19.15
CA LEU B 10 -39.60 2.19 -18.93
C LEU B 10 -38.30 1.44 -19.24
N SER B 11 -37.59 1.86 -20.31
CA SER B 11 -36.35 1.24 -20.78
C SER B 11 -35.11 2.14 -20.62
N SER B 12 -35.29 3.35 -20.09
CA SER B 12 -34.20 4.31 -19.93
C SER B 12 -34.23 5.06 -18.57
N VAL B 13 -33.23 5.92 -18.36
CA VAL B 13 -33.12 6.77 -17.15
C VAL B 13 -33.49 8.17 -17.59
N ARG B 14 -34.58 8.68 -17.04
CA ARG B 14 -35.09 9.98 -17.44
C ARG B 14 -35.65 10.77 -16.27
N TYR B 15 -35.81 12.09 -16.48
CA TYR B 15 -36.46 12.96 -15.50
C TYR B 15 -37.94 12.60 -15.51
N GLY B 16 -38.55 12.63 -14.33
CA GLY B 16 -39.95 12.28 -14.21
C GLY B 16 -40.62 12.88 -13.00
N THR B 17 -41.88 12.54 -12.79
CA THR B 17 -42.69 13.00 -11.67
C THR B 17 -42.59 12.02 -10.50
N VAL B 18 -43.13 12.43 -9.33
CA VAL B 18 -43.21 11.60 -8.12
C VAL B 18 -44.08 10.37 -8.47
N GLU B 19 -45.19 10.57 -9.19
CA GLU B 19 -46.08 9.51 -9.65
C GLU B 19 -45.33 8.50 -10.52
N ASP B 20 -44.46 8.97 -11.46
CA ASP B 20 -43.63 8.11 -12.32
C ASP B 20 -42.70 7.25 -11.46
N LEU B 21 -42.02 7.88 -10.49
CA LEU B 21 -41.10 7.23 -9.55
C LEU B 21 -41.83 6.18 -8.70
N LEU B 22 -43.01 6.56 -8.19
CA LEU B 22 -43.88 5.70 -7.37
C LEU B 22 -44.36 4.49 -8.16
N ALA B 23 -44.77 4.69 -9.44
CA ALA B 23 -45.19 3.61 -10.31
C ALA B 23 -44.03 2.65 -10.60
N PHE B 24 -42.82 3.22 -10.84
CA PHE B 24 -41.58 2.49 -11.11
C PHE B 24 -41.16 1.62 -9.91
N ALA B 25 -41.19 2.19 -8.68
CA ALA B 25 -40.88 1.50 -7.43
C ALA B 25 -41.85 0.34 -7.12
N ASN B 26 -43.14 0.52 -7.46
CA ASN B 26 -44.16 -0.50 -7.25
C ASN B 26 -44.01 -1.66 -8.22
N HIS B 27 -43.55 -1.37 -9.45
CA HIS B 27 -43.30 -2.38 -10.49
C HIS B 27 -42.09 -3.28 -10.14
N ILE B 28 -41.07 -2.73 -9.44
CA ILE B 28 -39.88 -3.46 -9.01
C ILE B 28 -40.27 -4.50 -7.93
N SER B 29 -40.91 -4.04 -6.83
CA SER B 29 -41.34 -4.87 -5.71
C SER B 29 -42.39 -5.93 -6.11
N ASN B 30 -42.99 -5.78 -7.31
CA ASN B 30 -43.96 -6.73 -7.88
C ASN B 30 -43.34 -7.48 -9.08
N PRO B 40 -31.87 -5.65 -18.99
CA PRO B 40 -30.60 -5.36 -19.69
C PRO B 40 -30.02 -4.01 -19.28
N GLN B 41 -30.28 -2.93 -20.08
CA GLN B 41 -29.84 -1.56 -19.82
C GLN B 41 -30.50 -1.03 -18.54
N GLU B 42 -29.80 -0.14 -17.81
CA GLU B 42 -30.32 0.47 -16.59
C GLU B 42 -31.50 1.43 -16.86
N SER B 43 -32.49 1.42 -15.96
CA SER B 43 -33.69 2.24 -16.11
C SER B 43 -34.01 2.92 -14.80
N GLY B 44 -34.74 4.02 -14.87
CA GLY B 44 -35.10 4.77 -13.66
C GLY B 44 -35.76 6.11 -13.87
N ILE B 45 -36.12 6.75 -12.75
CA ILE B 45 -36.77 8.06 -12.72
C ILE B 45 -35.96 9.03 -11.87
N LEU B 46 -35.65 10.22 -12.43
CA LEU B 46 -34.90 11.26 -11.73
C LEU B 46 -35.83 12.42 -11.39
N LEU B 47 -35.80 12.86 -10.14
CA LEU B 47 -36.67 13.95 -9.68
C LEU B 47 -35.94 15.28 -9.61
N ASN B 48 -34.61 15.27 -9.67
CA ASN B 48 -33.81 16.48 -9.50
C ASN B 48 -32.70 16.54 -10.51
N MET B 49 -32.49 17.74 -11.10
CA MET B 49 -31.49 18.01 -12.13
C MET B 49 -30.02 17.99 -11.62
N VAL B 50 -29.81 17.64 -10.35
CA VAL B 50 -28.49 17.41 -9.75
C VAL B 50 -27.88 16.14 -10.42
N ILE B 51 -28.76 15.21 -10.89
CA ILE B 51 -28.35 13.99 -11.59
C ILE B 51 -28.53 14.27 -13.07
N THR B 52 -27.51 13.96 -13.88
CA THR B 52 -27.50 14.20 -15.32
C THR B 52 -27.53 12.89 -16.13
N PRO B 53 -28.68 12.50 -16.69
CA PRO B 53 -28.68 11.33 -17.60
C PRO B 53 -28.00 11.73 -18.92
N GLN B 54 -27.34 10.78 -19.59
CA GLN B 54 -26.66 11.03 -20.85
C GLN B 54 -27.22 10.06 -21.84
N ASN B 55 -28.02 10.56 -22.81
CA ASN B 55 -28.67 9.71 -23.83
C ASN B 55 -29.47 8.52 -23.20
N GLY B 56 -30.27 8.82 -22.17
CA GLY B 56 -31.09 7.86 -21.46
C GLY B 56 -30.32 6.92 -20.53
N ARG B 57 -28.98 7.13 -20.41
CA ARG B 57 -28.08 6.35 -19.57
C ARG B 57 -27.63 7.10 -18.33
N TYR B 58 -27.40 6.33 -17.25
CA TYR B 58 -26.82 6.82 -16.00
C TYR B 58 -26.02 5.65 -15.42
N GLN B 59 -24.81 5.44 -15.96
CA GLN B 59 -23.90 4.33 -15.62
C GLN B 59 -22.86 4.69 -14.57
N ILE B 60 -22.54 3.72 -13.72
CA ILE B 60 -21.47 3.81 -12.73
C ILE B 60 -20.16 3.81 -13.53
N ASP B 61 -19.20 4.66 -13.14
CA ASP B 61 -17.86 4.81 -13.75
C ASP B 61 -17.84 5.60 -15.06
N SER B 62 -18.99 6.06 -15.57
CA SER B 62 -18.98 6.91 -16.78
C SER B 62 -19.83 8.17 -16.58
N ASP B 63 -21.03 8.07 -15.97
CA ASP B 63 -21.90 9.24 -15.71
C ASP B 63 -21.95 9.63 -14.23
N VAL B 64 -21.61 8.67 -13.36
CA VAL B 64 -21.59 8.81 -11.91
C VAL B 64 -20.46 7.97 -11.32
N LEU B 65 -19.73 8.55 -10.37
CA LEU B 65 -18.65 7.86 -9.69
C LEU B 65 -19.05 7.52 -8.26
N LEU B 66 -18.71 6.30 -7.84
CA LEU B 66 -18.96 5.82 -6.48
C LEU B 66 -17.65 5.90 -5.73
N ILE B 67 -17.71 6.50 -4.57
CA ILE B 67 -16.56 6.67 -3.68
C ILE B 67 -16.99 6.21 -2.29
N PRO B 68 -16.22 5.41 -1.53
CA PRO B 68 -16.63 5.21 -0.12
C PRO B 68 -16.45 6.58 0.58
N TRP B 69 -17.16 6.80 1.68
CA TRP B 69 -17.15 8.07 2.41
C TRP B 69 -15.80 8.43 3.08
N LYS B 70 -15.56 9.74 3.30
CA LYS B 70 -14.37 10.28 3.95
C LYS B 70 -14.71 11.13 5.18
N LEU B 71 -14.62 10.51 6.36
CA LEU B 71 -14.83 11.18 7.63
C LEU B 71 -13.48 11.74 8.10
N THR B 72 -13.50 12.90 8.79
CA THR B 72 -12.28 13.60 9.21
C THR B 72 -11.82 13.30 10.66
N TYR B 73 -12.40 12.28 11.32
CA TYR B 73 -12.01 11.90 12.68
C TYR B 73 -10.61 11.28 12.68
N ARG B 74 -9.79 11.65 13.68
CA ARG B 74 -8.40 11.17 13.80
C ARG B 74 -8.32 9.76 14.39
N ASN B 75 -9.17 9.47 15.41
CA ASN B 75 -9.25 8.19 16.13
C ASN B 75 -9.54 6.99 15.21
N ILE B 76 -10.54 7.14 14.31
CA ILE B 76 -10.93 6.10 13.36
C ILE B 76 -10.68 6.55 11.92
N PHE B 80 -15.10 4.25 4.94
CA PHE B 80 -16.19 3.56 5.62
C PHE B 80 -17.48 3.51 4.77
N ILE B 81 -18.21 2.37 4.85
CA ILE B 81 -19.48 2.14 4.13
C ILE B 81 -20.61 1.84 5.13
N PRO B 82 -21.49 2.83 5.43
CA PRO B 82 -22.60 2.57 6.37
C PRO B 82 -23.61 1.58 5.81
N ARG B 83 -24.24 0.81 6.71
CA ARG B 83 -25.26 -0.17 6.34
C ARG B 83 -26.63 0.30 6.79
N GLY B 84 -27.55 0.36 5.84
CA GLY B 84 -28.94 0.71 6.11
C GLY B 84 -29.71 -0.55 6.45
N ALA B 85 -31.02 -0.45 6.55
CA ALA B 85 -31.83 -1.61 6.87
C ALA B 85 -31.84 -2.63 5.73
N PHE B 86 -31.85 -2.16 4.46
CA PHE B 86 -31.93 -3.06 3.31
C PHE B 86 -30.81 -2.90 2.25
N GLY B 87 -29.73 -2.20 2.59
CA GLY B 87 -28.59 -2.07 1.70
C GLY B 87 -27.51 -1.14 2.20
N LYS B 88 -26.36 -1.12 1.52
CA LYS B 88 -25.22 -0.26 1.88
C LYS B 88 -25.32 1.09 1.20
N VAL B 89 -24.79 2.12 1.85
CA VAL B 89 -24.86 3.51 1.37
C VAL B 89 -23.47 3.99 0.98
N TYR B 90 -23.31 4.43 -0.27
CA TYR B 90 -22.04 4.90 -0.82
C TYR B 90 -22.10 6.37 -1.15
N LEU B 91 -20.94 7.01 -1.33
CA LEU B 91 -20.90 8.42 -1.72
C LEU B 91 -20.83 8.46 -3.22
N ALA B 92 -21.76 9.16 -3.86
CA ALA B 92 -21.81 9.25 -5.31
C ALA B 92 -21.60 10.66 -5.81
N GLN B 93 -21.00 10.80 -6.98
CA GLN B 93 -20.81 12.12 -7.55
C GLN B 93 -21.19 12.16 -9.01
N ASP B 94 -22.20 12.98 -9.35
CA ASP B 94 -22.64 13.21 -10.75
C ASP B 94 -21.47 13.84 -11.48
N ILE B 95 -21.03 13.22 -12.59
CA ILE B 95 -19.87 13.68 -13.34
C ILE B 95 -20.10 15.07 -13.98
N LYS B 96 -21.33 15.37 -14.42
CA LYS B 96 -21.62 16.70 -15.00
C LYS B 96 -21.74 17.83 -13.94
N THR B 97 -22.65 17.71 -12.94
CA THR B 97 -22.87 18.77 -11.96
C THR B 97 -21.85 18.79 -10.82
N LYS B 98 -21.11 17.68 -10.62
CA LYS B 98 -20.13 17.45 -9.53
C LYS B 98 -20.83 17.34 -8.16
N LYS B 99 -22.17 17.23 -8.18
CA LYS B 99 -23.01 17.13 -6.99
C LYS B 99 -22.78 15.82 -6.27
N ARG B 100 -22.44 15.92 -4.98
CA ARG B 100 -22.20 14.77 -4.14
C ARG B 100 -23.55 14.30 -3.58
N MET B 101 -23.80 12.99 -3.63
CA MET B 101 -25.05 12.37 -3.19
C MET B 101 -24.77 11.08 -2.43
N ALA B 102 -25.73 10.62 -1.65
CA ALA B 102 -25.62 9.32 -1.02
C ALA B 102 -26.25 8.36 -2.05
N CYS B 103 -25.68 7.17 -2.20
CA CYS B 103 -26.23 6.14 -3.07
C CYS B 103 -26.42 4.83 -2.34
N LYS B 104 -27.68 4.52 -2.01
CA LYS B 104 -28.09 3.32 -1.32
C LYS B 104 -28.39 2.24 -2.35
N LEU B 105 -27.67 1.12 -2.24
CA LEU B 105 -27.82 -0.03 -3.13
C LEU B 105 -28.60 -1.08 -2.42
N ILE B 106 -29.78 -1.41 -2.96
CA ILE B 106 -30.70 -2.36 -2.36
C ILE B 106 -30.99 -3.52 -3.32
N PRO B 107 -30.77 -4.78 -2.90
CA PRO B 107 -31.16 -5.91 -3.77
C PRO B 107 -32.67 -5.90 -3.95
N VAL B 108 -33.16 -6.08 -5.19
CA VAL B 108 -34.58 -6.09 -5.56
C VAL B 108 -35.43 -6.97 -4.62
N ASP B 109 -34.91 -8.15 -4.20
CA ASP B 109 -35.58 -9.07 -3.27
C ASP B 109 -35.89 -8.43 -1.90
N GLN B 110 -35.04 -7.48 -1.48
CA GLN B 110 -35.15 -6.77 -0.21
C GLN B 110 -35.81 -5.38 -0.36
N PHE B 111 -36.13 -4.95 -1.60
CA PHE B 111 -36.69 -3.63 -1.83
C PHE B 111 -38.15 -3.46 -1.37
N LYS B 112 -38.33 -2.51 -0.44
CA LYS B 112 -39.62 -2.11 0.11
C LYS B 112 -39.95 -0.71 -0.47
N PRO B 113 -41.15 -0.51 -1.07
CA PRO B 113 -41.46 0.82 -1.67
C PRO B 113 -41.37 2.02 -0.72
N SER B 114 -41.46 1.79 0.60
CA SER B 114 -41.34 2.85 1.63
C SER B 114 -39.95 3.51 1.64
N ASP B 115 -38.94 2.79 1.11
CA ASP B 115 -37.57 3.28 0.94
C ASP B 115 -37.52 4.46 -0.07
N VAL B 116 -38.59 4.67 -0.83
CA VAL B 116 -38.74 5.81 -1.76
C VAL B 116 -40.01 6.64 -1.51
N GLU B 117 -41.13 6.01 -1.14
CA GLU B 117 -42.45 6.63 -0.93
C GLU B 117 -42.47 7.80 0.04
N ILE B 118 -41.83 7.68 1.20
CA ILE B 118 -41.81 8.77 2.19
C ILE B 118 -41.10 10.01 1.65
N GLN B 119 -39.87 9.84 1.15
CA GLN B 119 -39.03 10.90 0.64
C GLN B 119 -39.55 11.51 -0.67
N ALA B 120 -40.28 10.72 -1.47
CA ALA B 120 -40.84 11.22 -2.73
C ALA B 120 -42.10 12.04 -2.48
N CYS B 121 -42.96 11.59 -1.55
CA CYS B 121 -44.24 12.24 -1.22
C CYS B 121 -44.09 13.39 -0.24
N PHE B 122 -43.19 13.26 0.73
CA PHE B 122 -43.02 14.27 1.78
C PHE B 122 -41.71 15.02 1.68
N ARG B 123 -41.76 16.34 1.86
CA ARG B 123 -40.58 17.21 1.76
C ARG B 123 -40.40 18.02 3.02
N HIS B 124 -39.21 17.92 3.62
CA HIS B 124 -38.89 18.68 4.84
C HIS B 124 -37.39 18.80 4.96
N GLU B 125 -36.92 19.93 5.48
CA GLU B 125 -35.48 20.20 5.66
C GLU B 125 -34.74 19.13 6.47
N ASN B 126 -35.40 18.49 7.45
CA ASN B 126 -34.81 17.47 8.32
C ASN B 126 -35.12 16.00 7.91
N ILE B 127 -35.50 15.80 6.64
CA ILE B 127 -35.77 14.51 6.00
C ILE B 127 -34.87 14.49 4.75
N ALA B 128 -34.02 13.44 4.57
CA ALA B 128 -33.12 13.37 3.39
C ALA B 128 -33.93 13.32 2.12
N GLU B 129 -33.62 14.24 1.24
CA GLU B 129 -34.27 14.37 -0.05
C GLU B 129 -33.92 13.19 -0.95
N LEU B 130 -34.87 12.78 -1.80
CA LEU B 130 -34.67 11.73 -2.79
C LEU B 130 -34.45 12.40 -4.14
N TYR B 131 -33.32 12.13 -4.77
CA TYR B 131 -32.96 12.71 -6.09
C TYR B 131 -33.40 11.85 -7.27
N GLY B 132 -33.33 10.53 -7.11
CA GLY B 132 -33.68 9.60 -8.17
C GLY B 132 -33.47 8.16 -7.79
N ALA B 133 -34.06 7.25 -8.57
CA ALA B 133 -33.96 5.80 -8.35
C ALA B 133 -33.65 5.13 -9.68
N VAL B 134 -32.62 4.27 -9.69
CA VAL B 134 -32.14 3.59 -10.89
C VAL B 134 -32.05 2.10 -10.63
N LEU B 135 -32.65 1.29 -11.50
CA LEU B 135 -32.61 -0.15 -11.43
C LEU B 135 -31.60 -0.67 -12.46
N TRP B 136 -30.63 -1.45 -12.00
CA TRP B 136 -29.67 -2.14 -12.86
C TRP B 136 -29.33 -3.47 -12.23
N GLY B 137 -29.48 -4.52 -13.05
CA GLY B 137 -29.27 -5.90 -12.65
C GLY B 137 -30.39 -6.25 -11.71
N GLU B 138 -30.04 -6.70 -10.51
CA GLU B 138 -31.03 -7.02 -9.50
C GLU B 138 -30.86 -6.06 -8.31
N THR B 139 -30.36 -4.82 -8.58
CA THR B 139 -30.08 -3.79 -7.58
C THR B 139 -30.81 -2.48 -7.88
N VAL B 140 -31.40 -1.89 -6.83
CA VAL B 140 -32.06 -0.59 -6.87
C VAL B 140 -31.06 0.39 -6.26
N HIS B 141 -30.74 1.47 -7.00
CA HIS B 141 -29.80 2.52 -6.59
C HIS B 141 -30.59 3.78 -6.26
N LEU B 142 -30.61 4.17 -4.97
CA LEU B 142 -31.32 5.35 -4.48
C LEU B 142 -30.37 6.50 -4.24
N PHE B 143 -30.50 7.54 -5.08
CA PHE B 143 -29.70 8.76 -5.01
C PHE B 143 -30.44 9.72 -4.11
N MET B 144 -29.79 10.12 -3.02
CA MET B 144 -30.36 10.97 -1.99
C MET B 144 -29.41 12.06 -1.55
N GLU B 145 -29.92 13.00 -0.78
CA GLU B 145 -29.17 14.07 -0.14
C GLU B 145 -28.11 13.39 0.78
N ALA B 146 -26.84 13.83 0.68
CA ALA B 146 -25.70 13.28 1.41
C ALA B 146 -25.36 14.02 2.69
N GLY B 147 -25.16 13.23 3.75
CA GLY B 147 -24.72 13.72 5.05
C GLY B 147 -23.24 13.42 5.13
N GLU B 148 -22.44 14.26 4.48
CA GLU B 148 -20.98 14.08 4.33
C GLU B 148 -20.21 14.11 5.64
N GLY B 149 -20.86 14.60 6.70
CA GLY B 149 -20.30 14.66 8.04
C GLY B 149 -20.49 13.36 8.79
N GLY B 150 -21.14 12.40 8.14
CA GLY B 150 -21.41 11.09 8.73
C GLY B 150 -22.65 11.08 9.59
N SER B 151 -22.83 10.02 10.39
CA SER B 151 -23.97 9.91 11.27
C SER B 151 -23.52 10.19 12.69
N VAL B 152 -24.47 10.29 13.62
CA VAL B 152 -24.19 10.49 15.03
C VAL B 152 -23.39 9.29 15.57
N LEU B 153 -23.59 8.07 14.99
CA LEU B 153 -22.87 6.87 15.41
C LEU B 153 -21.36 7.04 15.28
N GLU B 154 -20.88 7.56 14.13
CA GLU B 154 -19.44 7.74 13.92
C GLU B 154 -18.84 8.76 14.87
N LYS B 155 -19.57 9.86 15.15
CA LYS B 155 -19.14 10.89 16.08
C LYS B 155 -18.94 10.30 17.47
N LEU B 156 -19.91 9.46 17.95
CA LEU B 156 -19.87 8.80 19.25
C LEU B 156 -18.76 7.75 19.35
N GLU B 157 -18.54 7.00 18.26
CA GLU B 157 -17.49 5.98 18.18
C GLU B 157 -16.07 6.55 18.27
N SER B 158 -15.83 7.76 17.76
CA SER B 158 -14.50 8.37 17.77
C SER B 158 -14.25 9.43 18.86
N CYS B 159 -15.28 10.19 19.25
CA CYS B 159 -15.14 11.28 20.22
C CYS B 159 -15.71 10.99 21.60
N GLY B 160 -16.43 9.88 21.73
CA GLY B 160 -17.07 9.50 22.98
C GLY B 160 -18.34 10.29 23.22
N PRO B 161 -18.68 10.61 24.49
CA PRO B 161 -19.92 11.35 24.76
C PRO B 161 -19.99 12.75 24.11
N MET B 162 -21.16 13.11 23.59
CA MET B 162 -21.36 14.40 22.95
C MET B 162 -21.59 15.48 24.02
N ARG B 163 -21.12 16.72 23.75
CA ARG B 163 -21.33 17.85 24.66
C ARG B 163 -22.81 18.19 24.61
N GLU B 164 -23.36 18.74 25.69
CA GLU B 164 -24.77 19.10 25.80
C GLU B 164 -25.29 19.97 24.67
N PHE B 165 -24.52 21.01 24.28
CA PHE B 165 -24.88 21.90 23.18
C PHE B 165 -25.01 21.17 21.83
N GLU B 166 -24.20 20.10 21.62
CA GLU B 166 -24.24 19.30 20.39
C GLU B 166 -25.49 18.41 20.40
N ILE B 167 -25.83 17.87 21.59
CA ILE B 167 -27.04 17.04 21.77
C ILE B 167 -28.28 17.90 21.50
N ILE B 168 -28.35 19.11 22.11
CA ILE B 168 -29.45 20.07 21.92
C ILE B 168 -29.65 20.40 20.43
N TRP B 169 -28.56 20.76 19.72
CA TRP B 169 -28.59 21.12 18.30
C TRP B 169 -29.10 19.97 17.44
N VAL B 170 -28.63 18.73 17.70
CA VAL B 170 -29.03 17.53 16.95
C VAL B 170 -30.50 17.19 17.22
N THR B 171 -30.92 17.15 18.50
CA THR B 171 -32.27 16.80 18.93
C THR B 171 -33.34 17.77 18.37
N LYS B 172 -33.08 19.10 18.32
CA LYS B 172 -34.02 20.07 17.76
C LYS B 172 -34.29 19.78 16.25
N HIS B 173 -33.24 19.43 15.48
CA HIS B 173 -33.39 19.05 14.06
C HIS B 173 -34.19 17.74 13.94
N VAL B 174 -33.85 16.72 14.78
CA VAL B 174 -34.50 15.39 14.80
C VAL B 174 -35.99 15.55 15.14
N LEU B 175 -36.27 16.34 16.19
CA LEU B 175 -37.61 16.64 16.63
C LEU B 175 -38.43 17.42 15.60
N LYS B 176 -37.82 18.31 14.80
CA LYS B 176 -38.57 18.99 13.73
C LYS B 176 -38.94 17.99 12.62
N GLY B 177 -38.03 17.05 12.33
CA GLY B 177 -38.23 15.98 11.36
C GLY B 177 -39.31 15.03 11.82
N LEU B 178 -39.25 14.59 13.09
CA LEU B 178 -40.23 13.69 13.71
C LEU B 178 -41.58 14.35 13.82
N ASP B 179 -41.63 15.61 14.29
CA ASP B 179 -42.87 16.38 14.38
C ASP B 179 -43.54 16.47 12.99
N PHE B 180 -42.73 16.69 11.95
CA PHE B 180 -43.21 16.74 10.56
C PHE B 180 -43.75 15.36 10.16
N LEU B 181 -42.96 14.29 10.35
CA LEU B 181 -43.38 12.92 10.01
C LEU B 181 -44.62 12.44 10.74
N HIS B 182 -44.78 12.82 12.04
CA HIS B 182 -45.90 12.36 12.87
C HIS B 182 -47.18 13.08 12.59
N SER B 183 -47.09 14.31 12.04
CA SER B 183 -48.24 15.10 11.65
C SER B 183 -48.84 14.47 10.36
N LYS B 184 -48.02 13.72 9.61
CA LYS B 184 -48.40 13.04 8.39
C LYS B 184 -48.74 11.56 8.62
N LYS B 185 -48.77 11.12 9.91
CA LYS B 185 -49.07 9.77 10.40
C LYS B 185 -48.00 8.74 9.93
N VAL B 186 -46.74 9.21 9.85
CA VAL B 186 -45.61 8.35 9.48
C VAL B 186 -44.82 7.95 10.75
N ILE B 187 -44.64 6.64 10.95
CA ILE B 187 -43.77 6.12 12.01
C ILE B 187 -42.48 5.78 11.30
N HIS B 188 -41.35 6.38 11.72
CA HIS B 188 -40.03 6.10 11.14
C HIS B 188 -39.64 4.63 11.38
N HIS B 189 -39.85 4.14 12.63
CA HIS B 189 -39.59 2.77 13.12
C HIS B 189 -38.14 2.42 13.43
N ASP B 190 -37.17 3.29 13.11
CA ASP B 190 -35.78 2.96 13.39
C ASP B 190 -34.92 4.20 13.71
N ILE B 191 -35.41 5.00 14.68
CA ILE B 191 -34.70 6.19 15.18
C ILE B 191 -33.55 5.68 16.05
N LYS B 192 -32.30 6.01 15.62
CA LYS B 192 -31.05 5.59 16.28
C LYS B 192 -29.89 6.45 15.78
N PRO B 193 -28.70 6.46 16.43
CA PRO B 193 -27.61 7.34 15.96
C PRO B 193 -27.20 7.20 14.49
N SER B 194 -27.16 5.96 13.95
CA SER B 194 -26.74 5.73 12.56
C SER B 194 -27.73 6.30 11.51
N ASN B 195 -28.98 6.60 11.92
CA ASN B 195 -30.01 7.15 11.02
C ASN B 195 -30.22 8.67 11.17
N ILE B 196 -29.28 9.36 11.87
CA ILE B 196 -29.26 10.83 12.08
C ILE B 196 -27.93 11.28 11.49
N VAL B 197 -27.96 11.97 10.34
CA VAL B 197 -26.72 12.34 9.62
C VAL B 197 -26.45 13.86 9.60
N PHE B 198 -25.17 14.23 9.59
CA PHE B 198 -24.73 15.61 9.57
C PHE B 198 -24.54 16.16 8.17
N MET B 199 -25.24 17.25 7.90
CA MET B 199 -25.15 18.04 6.69
C MET B 199 -24.51 19.36 7.13
N SER B 200 -24.05 20.19 6.20
CA SER B 200 -23.34 21.44 6.52
C SER B 200 -24.01 22.33 7.58
N THR B 201 -25.35 22.47 7.54
CA THR B 201 -26.08 23.39 8.43
C THR B 201 -27.21 22.75 9.25
N LYS B 202 -27.36 21.42 9.15
CA LYS B 202 -28.45 20.69 9.79
C LYS B 202 -28.13 19.21 10.02
N ALA B 203 -28.92 18.58 10.87
CA ALA B 203 -28.90 17.14 11.13
C ALA B 203 -30.17 16.63 10.43
N VAL B 204 -30.06 15.53 9.70
CA VAL B 204 -31.16 15.00 8.92
C VAL B 204 -31.46 13.51 9.22
N LEU B 205 -32.76 13.13 9.12
CA LEU B 205 -33.21 11.74 9.29
C LEU B 205 -33.13 10.99 7.98
N VAL B 206 -32.58 9.77 8.04
CA VAL B 206 -32.42 8.89 6.88
C VAL B 206 -33.06 7.51 7.13
N ASP B 207 -33.17 6.69 6.07
CA ASP B 207 -33.67 5.31 6.04
C ASP B 207 -35.14 5.15 6.42
N PHE B 208 -35.97 5.06 5.38
CA PHE B 208 -37.41 4.92 5.52
C PHE B 208 -37.91 3.53 5.09
N GLY B 209 -36.98 2.59 4.99
CA GLY B 209 -37.26 1.20 4.64
C GLY B 209 -38.19 0.47 5.60
N LEU B 210 -38.21 0.90 6.88
CA LEU B 210 -39.07 0.26 7.90
C LEU B 210 -40.25 1.15 8.29
N SER B 211 -40.33 2.35 7.71
CA SER B 211 -41.39 3.30 8.01
C SER B 211 -42.77 2.85 7.53
N VAL B 212 -43.82 3.26 8.24
CA VAL B 212 -45.22 2.92 7.89
C VAL B 212 -46.09 4.17 7.88
N GLN B 213 -47.08 4.19 6.97
CA GLN B 213 -48.07 5.26 6.89
C GLN B 213 -49.32 4.76 7.57
N MET B 214 -49.62 5.30 8.74
CA MET B 214 -50.79 4.91 9.54
C MET B 214 -52.08 5.38 8.84
N THR B 215 -53.13 4.57 8.95
CA THR B 215 -54.46 4.85 8.39
C THR B 215 -55.46 4.96 9.54
N GLU B 216 -55.10 4.39 10.70
CA GLU B 216 -55.87 4.40 11.94
C GLU B 216 -55.03 5.04 13.05
N ASP B 217 -55.61 5.26 14.24
CA ASP B 217 -54.93 5.85 15.40
C ASP B 217 -53.91 4.87 16.00
N VAL B 218 -54.09 3.57 15.72
CA VAL B 218 -53.23 2.50 16.18
C VAL B 218 -52.77 1.68 14.98
N TYR B 219 -51.46 1.38 14.94
CA TYR B 219 -50.90 0.54 13.90
C TYR B 219 -50.63 -0.84 14.48
N PHE B 220 -51.16 -1.88 13.83
CA PHE B 220 -50.97 -3.26 14.27
C PHE B 220 -49.87 -3.91 13.43
N PRO B 221 -48.70 -4.18 14.05
CA PRO B 221 -47.58 -4.73 13.27
C PRO B 221 -47.78 -6.16 12.76
N LYS B 222 -47.25 -6.42 11.56
CA LYS B 222 -47.28 -7.73 10.91
C LYS B 222 -46.06 -8.53 11.36
N ASP B 223 -44.95 -7.81 11.61
CA ASP B 223 -43.65 -8.33 12.02
C ASP B 223 -43.05 -7.46 13.13
N LEU B 224 -41.84 -7.83 13.62
CA LEU B 224 -41.10 -7.05 14.61
C LEU B 224 -40.04 -6.25 13.86
N ARG B 225 -40.20 -4.91 13.87
CA ARG B 225 -39.32 -3.97 13.17
C ARG B 225 -38.55 -3.09 14.13
N GLY B 226 -37.31 -2.78 13.76
CA GLY B 226 -36.43 -1.90 14.50
C GLY B 226 -35.20 -2.55 15.09
N THR B 227 -34.39 -1.73 15.76
CA THR B 227 -33.17 -2.11 16.47
C THR B 227 -33.58 -2.25 17.92
N GLU B 228 -33.46 -3.47 18.46
CA GLU B 228 -33.85 -3.87 19.82
C GLU B 228 -33.42 -2.92 20.93
N ILE B 229 -32.15 -2.44 20.93
CA ILE B 229 -31.61 -1.53 21.95
C ILE B 229 -32.45 -0.24 22.11
N TYR B 230 -32.98 0.29 20.99
CA TYR B 230 -33.76 1.53 20.92
C TYR B 230 -35.28 1.29 20.83
N MET B 231 -35.70 0.03 20.95
CA MET B 231 -37.09 -0.41 20.82
C MET B 231 -37.91 -0.19 22.09
N SER B 232 -39.12 0.35 21.92
CA SER B 232 -40.06 0.62 23.01
C SER B 232 -40.74 -0.68 23.47
N PRO B 233 -41.24 -0.74 24.73
CA PRO B 233 -41.94 -1.96 25.18
C PRO B 233 -43.18 -2.32 24.34
N GLU B 234 -43.92 -1.31 23.84
CA GLU B 234 -45.13 -1.56 23.04
C GLU B 234 -44.81 -2.14 21.64
N VAL B 235 -43.62 -1.83 21.07
CA VAL B 235 -43.20 -2.40 19.79
C VAL B 235 -42.86 -3.89 20.01
N ILE B 236 -42.12 -4.20 21.10
CA ILE B 236 -41.74 -5.57 21.51
C ILE B 236 -42.98 -6.45 21.69
N LEU B 237 -44.04 -5.92 22.33
CA LEU B 237 -45.31 -6.62 22.58
C LEU B 237 -46.07 -7.03 21.31
N CYS B 238 -45.94 -6.27 20.19
CA CYS B 238 -46.63 -6.52 18.91
C CYS B 238 -48.18 -6.49 19.01
N ARG B 239 -48.72 -5.78 20.03
CA ARG B 239 -50.15 -5.66 20.25
C ARG B 239 -50.72 -4.35 19.68
N GLY B 240 -49.87 -3.57 19.01
CA GLY B 240 -50.26 -2.30 18.43
C GLY B 240 -49.55 -1.12 19.06
N HIS B 241 -49.12 -0.17 18.22
CA HIS B 241 -48.42 1.04 18.65
C HIS B 241 -48.67 2.21 17.69
N SER B 242 -48.00 3.36 17.92
CA SER B 242 -48.18 4.53 17.07
C SER B 242 -46.84 5.28 16.86
N THR B 243 -46.93 6.58 16.53
CA THR B 243 -45.80 7.48 16.32
C THR B 243 -44.97 7.66 17.59
N LYS B 244 -45.60 7.45 18.77
CA LYS B 244 -44.97 7.53 20.10
C LYS B 244 -43.79 6.55 20.24
N ALA B 245 -43.79 5.47 19.42
CA ALA B 245 -42.71 4.48 19.36
C ALA B 245 -41.37 5.16 19.03
N ASP B 246 -41.38 6.14 18.11
CA ASP B 246 -40.21 6.93 17.71
C ASP B 246 -39.69 7.85 18.80
N ILE B 247 -40.59 8.31 19.69
CA ILE B 247 -40.24 9.20 20.80
C ILE B 247 -39.38 8.46 21.81
N TYR B 248 -39.75 7.20 22.13
CA TYR B 248 -38.98 6.36 23.04
C TYR B 248 -37.60 6.07 22.40
N SER B 249 -37.58 5.73 21.08
CA SER B 249 -36.34 5.45 20.34
C SER B 249 -35.38 6.62 20.41
N LEU B 250 -35.93 7.85 20.38
CA LEU B 250 -35.17 9.09 20.52
C LEU B 250 -34.57 9.19 21.93
N GLY B 251 -35.34 8.82 22.95
CA GLY B 251 -34.87 8.80 24.34
C GLY B 251 -33.69 7.86 24.52
N ALA B 252 -33.77 6.68 23.90
CA ALA B 252 -32.71 5.67 23.93
C ALA B 252 -31.46 6.17 23.16
N THR B 253 -31.68 6.90 22.04
CA THR B 253 -30.65 7.56 21.21
C THR B 253 -29.95 8.66 22.05
N LEU B 254 -30.74 9.43 22.83
CA LEU B 254 -30.26 10.49 23.73
C LEU B 254 -29.32 9.93 24.81
N ILE B 255 -29.65 8.76 25.41
CA ILE B 255 -28.78 8.09 26.39
C ILE B 255 -27.44 7.76 25.73
N HIS B 256 -27.47 7.19 24.49
CA HIS B 256 -26.26 6.83 23.75
C HIS B 256 -25.38 8.08 23.48
N MET B 257 -26.02 9.22 23.11
CA MET B 257 -25.35 10.49 22.82
C MET B 257 -24.70 11.13 24.06
N GLN B 258 -25.41 11.09 25.21
CA GLN B 258 -24.97 11.68 26.47
C GLN B 258 -23.89 10.88 27.18
N THR B 259 -23.93 9.54 27.08
CA THR B 259 -22.98 8.63 27.74
C THR B 259 -21.87 8.07 26.84
N GLY B 260 -22.12 8.04 25.53
CA GLY B 260 -21.19 7.47 24.54
C GLY B 260 -21.34 5.97 24.37
N THR B 261 -22.28 5.38 25.12
CA THR B 261 -22.55 3.94 25.11
C THR B 261 -24.06 3.75 24.96
N PRO B 262 -24.53 2.80 24.10
CA PRO B 262 -25.97 2.58 23.97
C PRO B 262 -26.57 2.04 25.28
N PRO B 263 -27.86 2.29 25.61
CA PRO B 263 -28.41 1.71 26.85
C PRO B 263 -28.41 0.18 26.78
N TRP B 264 -28.58 -0.48 27.95
CA TRP B 264 -28.64 -1.95 28.15
C TRP B 264 -27.32 -2.69 28.05
N VAL B 265 -26.37 -2.23 27.21
CA VAL B 265 -25.09 -2.91 26.94
C VAL B 265 -24.23 -3.13 28.21
N LYS B 266 -24.05 -2.10 29.07
CA LYS B 266 -23.22 -2.25 30.28
C LYS B 266 -23.89 -3.09 31.37
N ARG B 267 -25.18 -2.87 31.64
CA ARG B 267 -25.91 -3.61 32.67
C ARG B 267 -26.26 -5.02 32.25
N TYR B 268 -26.62 -5.22 30.97
CA TYR B 268 -27.02 -6.52 30.45
C TYR B 268 -26.22 -6.92 29.20
N PRO B 269 -24.91 -7.26 29.31
CA PRO B 269 -24.18 -7.70 28.11
C PRO B 269 -24.76 -8.99 27.55
N ARG B 270 -24.81 -9.12 26.22
CA ARG B 270 -25.32 -10.32 25.59
C ARG B 270 -24.15 -11.22 25.23
N SER B 271 -24.24 -12.49 25.58
CA SER B 271 -23.24 -13.52 25.29
C SER B 271 -23.96 -14.72 24.67
N ALA B 272 -24.38 -15.70 25.48
CA ALA B 272 -25.09 -16.91 25.03
C ALA B 272 -26.42 -16.61 24.35
N TYR B 273 -27.14 -15.59 24.84
CA TYR B 273 -28.46 -15.18 24.33
C TYR B 273 -28.42 -13.75 23.80
N PRO B 274 -28.41 -13.58 22.46
CA PRO B 274 -28.29 -12.22 21.90
C PRO B 274 -29.52 -11.31 22.04
N SER B 275 -30.72 -11.88 22.28
CA SER B 275 -31.95 -11.10 22.37
C SER B 275 -32.06 -10.23 23.64
N TYR B 276 -32.57 -9.00 23.45
CA TYR B 276 -32.84 -8.03 24.51
C TYR B 276 -34.35 -7.93 24.76
N LEU B 277 -35.17 -8.61 23.92
CA LEU B 277 -36.64 -8.55 23.97
C LEU B 277 -37.25 -8.76 25.35
N TYR B 278 -36.81 -9.80 26.08
CA TYR B 278 -37.33 -10.10 27.41
C TYR B 278 -36.87 -9.07 28.45
N ILE B 279 -35.58 -8.71 28.41
CA ILE B 279 -34.95 -7.75 29.33
C ILE B 279 -35.57 -6.36 29.20
N ILE B 280 -35.72 -5.87 27.95
CA ILE B 280 -36.29 -4.55 27.69
C ILE B 280 -37.76 -4.51 28.12
N HIS B 281 -38.56 -5.55 27.79
CA HIS B 281 -39.97 -5.62 28.17
C HIS B 281 -40.14 -5.59 29.70
N LYS B 282 -39.27 -6.31 30.44
CA LYS B 282 -39.35 -6.33 31.90
C LYS B 282 -38.72 -5.12 32.57
N GLN B 283 -37.62 -4.54 32.03
CA GLN B 283 -36.92 -3.48 32.74
C GLN B 283 -36.96 -2.06 32.14
N ALA B 284 -37.59 -1.84 30.96
CA ALA B 284 -37.67 -0.49 30.38
C ALA B 284 -38.55 0.43 31.25
N PRO B 285 -38.25 1.75 31.39
CA PRO B 285 -37.18 2.54 30.74
C PRO B 285 -35.77 2.31 31.31
N PRO B 286 -34.70 2.43 30.49
CA PRO B 286 -33.34 2.27 31.02
C PRO B 286 -32.78 3.55 31.65
N LEU B 287 -33.49 4.08 32.66
CA LEU B 287 -33.14 5.32 33.36
C LEU B 287 -31.77 5.27 34.07
N GLU B 288 -31.39 4.08 34.58
CA GLU B 288 -30.10 3.82 35.25
C GLU B 288 -28.90 4.10 34.33
N ASP B 289 -29.11 4.06 33.00
CA ASP B 289 -28.07 4.26 31.99
C ASP B 289 -27.77 5.75 31.73
N ILE B 290 -28.59 6.68 32.26
CA ILE B 290 -28.35 8.12 32.17
C ILE B 290 -27.17 8.42 33.11
N ALA B 291 -26.12 9.08 32.58
CA ALA B 291 -24.91 9.41 33.35
C ALA B 291 -25.16 10.48 34.42
N ASP B 292 -24.32 10.51 35.46
CA ASP B 292 -24.40 11.47 36.56
C ASP B 292 -24.04 12.91 36.14
N ASP B 293 -23.23 13.06 35.07
CA ASP B 293 -22.81 14.35 34.50
C ASP B 293 -23.93 15.05 33.71
N CYS B 294 -25.11 14.39 33.60
CA CYS B 294 -26.31 14.88 32.89
C CYS B 294 -26.95 16.05 33.65
N SER B 295 -27.31 17.12 32.92
CA SER B 295 -27.96 18.31 33.50
C SER B 295 -29.43 18.03 33.90
N PRO B 296 -30.03 18.76 34.87
CA PRO B 296 -31.43 18.49 35.24
C PRO B 296 -32.43 18.60 34.10
N GLY B 297 -32.25 19.59 33.24
CA GLY B 297 -33.08 19.81 32.06
C GLY B 297 -33.01 18.65 31.07
N MET B 298 -31.79 18.24 30.70
CA MET B 298 -31.52 17.12 29.80
C MET B 298 -32.10 15.81 30.36
N ARG B 299 -31.92 15.57 31.68
CA ARG B 299 -32.44 14.40 32.40
C ARG B 299 -33.97 14.33 32.30
N GLU B 300 -34.67 15.47 32.53
CA GLU B 300 -36.13 15.57 32.44
C GLU B 300 -36.63 15.23 31.03
N LEU B 301 -35.90 15.70 30.01
CA LEU B 301 -36.19 15.46 28.60
C LEU B 301 -36.06 13.98 28.24
N ILE B 302 -34.96 13.33 28.69
CA ILE B 302 -34.72 11.90 28.45
C ILE B 302 -35.77 11.06 29.17
N GLU B 303 -36.09 11.42 30.44
CA GLU B 303 -37.05 10.66 31.23
C GLU B 303 -38.47 10.68 30.64
N ALA B 304 -38.91 11.87 30.17
CA ALA B 304 -40.24 12.04 29.56
C ALA B 304 -40.33 11.19 28.28
N SER B 305 -39.30 11.27 27.42
CA SER B 305 -39.20 10.50 26.17
C SER B 305 -39.25 9.00 26.41
N LEU B 306 -38.68 8.52 27.54
CA LEU B 306 -38.59 7.09 27.86
C LEU B 306 -39.76 6.54 28.66
N GLU B 307 -40.82 7.34 28.90
CA GLU B 307 -42.04 6.93 29.60
C GLU B 307 -42.52 5.55 29.08
N ARG B 308 -42.82 4.60 30.00
CA ARG B 308 -43.22 3.23 29.64
C ARG B 308 -44.50 3.14 28.78
N ASN B 309 -45.60 3.78 29.23
CA ASN B 309 -46.86 3.79 28.50
C ASN B 309 -46.82 4.88 27.41
N PRO B 310 -47.04 4.52 26.13
CA PRO B 310 -46.99 5.53 25.06
C PRO B 310 -48.06 6.63 25.14
N ASN B 311 -49.23 6.32 25.74
CA ASN B 311 -50.32 7.28 25.94
C ASN B 311 -49.90 8.42 26.88
N HIS B 312 -48.92 8.14 27.75
CA HIS B 312 -48.41 9.07 28.75
C HIS B 312 -47.05 9.67 28.37
N ARG B 313 -46.60 9.41 27.13
CA ARG B 313 -45.33 9.88 26.58
C ARG B 313 -45.55 11.19 25.77
N PRO B 314 -44.65 12.22 25.80
CA PRO B 314 -44.94 13.45 25.02
C PRO B 314 -44.77 13.27 23.51
N ARG B 315 -45.44 14.14 22.72
CA ARG B 315 -45.30 14.16 21.28
C ARG B 315 -44.02 14.93 20.98
N ALA B 316 -43.51 14.81 19.73
CA ALA B 316 -42.34 15.53 19.26
C ALA B 316 -42.58 17.05 19.39
N ALA B 317 -43.82 17.52 19.08
CA ALA B 317 -44.26 18.90 19.20
C ALA B 317 -44.13 19.41 20.65
N ASP B 318 -44.47 18.55 21.62
CA ASP B 318 -44.38 18.84 23.06
C ASP B 318 -42.91 18.92 23.53
N LEU B 319 -42.06 18.00 23.07
CA LEU B 319 -40.62 17.97 23.41
C LEU B 319 -39.86 19.20 22.91
N LEU B 320 -40.29 19.78 21.77
CA LEU B 320 -39.68 21.00 21.19
C LEU B 320 -39.87 22.21 22.10
N LYS B 321 -40.94 22.20 22.94
CA LYS B 321 -41.27 23.27 23.89
C LYS B 321 -40.51 23.13 25.23
N HIS B 322 -39.80 22.01 25.45
CA HIS B 322 -39.04 21.73 26.68
C HIS B 322 -37.94 22.77 26.94
N GLU B 323 -37.72 23.08 28.24
CA GLU B 323 -36.72 24.05 28.72
C GLU B 323 -35.30 23.71 28.27
N ALA B 324 -34.94 22.41 28.26
CA ALA B 324 -33.62 21.90 27.89
C ALA B 324 -33.18 22.23 26.45
N LEU B 325 -34.14 22.49 25.55
CA LEU B 325 -33.86 22.80 24.15
C LEU B 325 -34.14 24.25 23.77
N ASN B 326 -34.36 25.12 24.76
CA ASN B 326 -34.66 26.53 24.54
C ASN B 326 -33.84 27.48 25.46
N PRO B 327 -33.58 28.75 25.04
CA PRO B 327 -32.77 29.65 25.92
C PRO B 327 -33.45 30.02 27.24
N LEU C 10 35.01 39.31 3.13
CA LEU C 10 33.77 38.84 2.50
C LEU C 10 32.55 39.16 3.37
N SER C 11 31.70 40.10 2.89
CA SER C 11 30.50 40.56 3.59
C SER C 11 29.19 40.16 2.91
N SER C 12 29.27 39.44 1.77
CA SER C 12 28.08 39.02 1.03
C SER C 12 28.13 37.57 0.53
N VAL C 13 27.05 37.16 -0.13
CA VAL C 13 26.93 35.84 -0.76
C VAL C 13 27.17 36.03 -2.28
N ARG C 14 28.23 35.42 -2.80
CA ARG C 14 28.55 35.61 -4.21
C ARG C 14 29.12 34.39 -4.85
N TYR C 15 29.08 34.37 -6.19
CA TYR C 15 29.70 33.30 -6.97
C TYR C 15 31.22 33.48 -6.83
N GLY C 16 31.93 32.38 -6.74
CA GLY C 16 33.38 32.43 -6.59
C GLY C 16 34.07 31.18 -7.06
N THR C 17 35.40 31.16 -6.88
CA THR C 17 36.26 30.03 -7.26
C THR C 17 36.39 29.05 -6.08
N VAL C 18 36.97 27.87 -6.36
CA VAL C 18 37.26 26.84 -5.36
C VAL C 18 38.24 27.46 -4.34
N GLU C 19 39.25 28.20 -4.82
CA GLU C 19 40.22 28.92 -4.00
C GLU C 19 39.52 29.90 -3.05
N ASP C 20 38.52 30.68 -3.54
CA ASP C 20 37.73 31.62 -2.73
C ASP C 20 37.01 30.87 -1.61
N LEU C 21 36.34 29.75 -1.96
CA LEU C 21 35.60 28.88 -1.04
C LEU C 21 36.54 28.32 0.03
N LEU C 22 37.70 27.83 -0.41
CA LEU C 22 38.74 27.25 0.44
C LEU C 22 39.29 28.27 1.43
N ALA C 23 39.54 29.52 0.95
CA ALA C 23 40.01 30.62 1.80
C ALA C 23 38.94 30.99 2.84
N PHE C 24 37.66 31.03 2.41
CA PHE C 24 36.50 31.33 3.25
C PHE C 24 36.32 30.28 4.38
N ALA C 25 36.39 28.98 4.01
CA ALA C 25 36.29 27.84 4.95
C ALA C 25 37.42 27.83 5.98
N ASN C 26 38.64 28.21 5.58
CA ASN C 26 39.80 28.28 6.46
C ASN C 26 39.69 29.42 7.45
N HIS C 27 39.09 30.54 7.04
CA HIS C 27 38.87 31.72 7.89
C HIS C 27 37.83 31.46 8.98
N ILE C 28 36.83 30.59 8.71
CA ILE C 28 35.77 30.21 9.67
C ILE C 28 36.40 29.39 10.82
N SER C 29 37.08 28.28 10.46
CA SER C 29 37.72 27.35 11.40
C SER C 29 38.86 27.99 12.20
N PRO C 40 26.85 39.74 11.27
CA PRO C 40 25.50 40.27 11.01
C PRO C 40 24.86 39.56 9.81
N GLN C 41 24.93 40.18 8.60
CA GLN C 41 24.42 39.65 7.33
C GLN C 41 25.19 38.38 6.95
N GLU C 42 24.51 37.42 6.30
CA GLU C 42 25.15 36.18 5.87
C GLU C 42 26.18 36.41 4.76
N SER C 43 27.19 35.53 4.69
CA SER C 43 28.22 35.64 3.67
C SER C 43 28.60 34.26 3.19
N GLY C 44 29.23 34.19 2.04
CA GLY C 44 29.62 32.89 1.50
C GLY C 44 29.99 32.87 0.03
N ILE C 45 30.46 31.70 -0.42
CA ILE C 45 30.92 31.48 -1.78
C ILE C 45 30.06 30.42 -2.46
N LEU C 46 29.57 30.72 -3.67
CA LEU C 46 28.76 29.78 -4.46
C LEU C 46 29.56 29.31 -5.67
N LEU C 47 29.60 28.00 -5.88
CA LEU C 47 30.37 27.41 -6.97
C LEU C 47 29.49 27.04 -8.16
N ASN C 48 28.16 26.99 -7.97
CA ASN C 48 27.25 26.54 -9.00
C ASN C 48 26.03 27.44 -9.08
N MET C 49 25.62 27.79 -10.31
CA MET C 49 24.48 28.67 -10.60
C MET C 49 23.08 28.06 -10.30
N VAL C 50 23.05 26.87 -9.68
CA VAL C 50 21.85 26.21 -9.19
C VAL C 50 21.34 27.04 -7.97
N ILE C 51 22.27 27.75 -7.28
CA ILE C 51 21.97 28.62 -6.14
C ILE C 51 21.96 30.02 -6.69
N THR C 52 20.90 30.79 -6.37
CA THR C 52 20.70 32.16 -6.85
C THR C 52 20.82 33.20 -5.71
N PRO C 53 21.96 33.92 -5.60
CA PRO C 53 22.00 35.02 -4.61
C PRO C 53 21.16 36.18 -5.15
N GLN C 54 20.55 36.97 -4.26
CA GLN C 54 19.74 38.12 -4.66
C GLN C 54 20.36 39.34 -3.99
N ASN C 55 20.98 40.22 -4.79
CA ASN C 55 21.65 41.43 -4.29
C ASN C 55 22.65 41.11 -3.15
N GLY C 56 23.42 40.05 -3.35
CA GLY C 56 24.40 39.54 -2.40
C GLY C 56 23.84 38.84 -1.17
N ARG C 57 22.53 38.51 -1.17
CA ARG C 57 21.84 37.82 -0.07
C ARG C 57 21.42 36.42 -0.48
N TYR C 58 21.32 35.51 0.51
CA TYR C 58 20.84 34.13 0.34
C TYR C 58 20.26 33.71 1.68
N GLN C 59 19.01 34.10 1.93
CA GLN C 59 18.31 33.93 3.21
C GLN C 59 17.28 32.84 3.20
N ILE C 60 17.21 32.07 4.32
CA ILE C 60 16.23 31.00 4.56
C ILE C 60 14.87 31.71 4.60
N ASP C 61 13.86 31.13 3.92
CA ASP C 61 12.47 31.61 3.81
C ASP C 61 12.29 32.77 2.81
N SER C 62 13.40 33.27 2.20
CA SER C 62 13.35 34.36 1.20
C SER C 62 13.95 33.93 -0.14
N ASP C 63 15.19 33.46 -0.15
CA ASP C 63 15.87 33.04 -1.38
C ASP C 63 16.01 31.52 -1.47
N VAL C 64 15.80 30.81 -0.35
CA VAL C 64 15.90 29.37 -0.24
C VAL C 64 14.92 28.84 0.83
N LEU C 65 14.25 27.74 0.53
CA LEU C 65 13.31 27.12 1.45
C LEU C 65 13.87 25.80 1.96
N LEU C 66 13.72 25.55 3.26
CA LEU C 66 14.11 24.29 3.88
C LEU C 66 12.84 23.46 3.95
N ILE C 67 12.76 22.47 3.07
CA ILE C 67 11.58 21.60 2.87
C ILE C 67 11.81 20.22 3.50
N PRO C 68 10.75 19.43 3.80
CA PRO C 68 10.99 18.13 4.43
C PRO C 68 11.47 17.05 3.46
N TRP C 69 12.26 16.08 3.97
CA TRP C 69 12.73 14.93 3.19
C TRP C 69 11.52 14.00 3.00
N LYS C 70 11.19 13.63 1.76
CA LYS C 70 10.05 12.75 1.51
C LYS C 70 10.49 11.35 1.03
N LEU C 71 10.60 10.39 1.96
CA LEU C 71 10.95 9.01 1.65
C LEU C 71 9.66 8.26 1.34
N THR C 72 9.72 7.27 0.42
CA THR C 72 8.54 6.54 -0.05
C THR C 72 8.27 5.20 0.69
N TYR C 73 9.01 4.90 1.77
CA TYR C 73 8.81 3.68 2.57
C TYR C 73 7.49 3.69 3.30
N ARG C 74 6.80 2.53 3.31
CA ARG C 74 5.49 2.34 3.94
C ARG C 74 5.60 2.14 5.45
N PHE C 80 11.75 13.14 8.57
CA PHE C 80 13.03 12.69 9.15
C PHE C 80 14.19 13.61 8.79
N ILE C 81 15.10 13.84 9.75
CA ILE C 81 16.31 14.67 9.61
C ILE C 81 17.58 13.83 9.87
N PRO C 82 18.32 13.40 8.81
CA PRO C 82 19.55 12.63 9.03
C PRO C 82 20.66 13.45 9.71
N ARG C 83 21.49 12.76 10.50
CA ARG C 83 22.59 13.39 11.24
C ARG C 83 23.92 12.97 10.65
N GLY C 84 24.73 13.97 10.30
CA GLY C 84 26.08 13.76 9.80
C GLY C 84 27.04 13.71 10.97
N ALA C 85 28.34 13.71 10.69
CA ALA C 85 29.34 13.68 11.78
C ALA C 85 29.35 15.00 12.58
N PHE C 86 29.14 16.14 11.91
CA PHE C 86 29.21 17.45 12.56
C PHE C 86 27.97 18.34 12.38
N GLY C 87 26.86 17.78 11.95
CA GLY C 87 25.61 18.53 11.85
C GLY C 87 24.48 17.78 11.16
N LYS C 88 23.28 18.35 11.19
CA LYS C 88 22.09 17.77 10.56
C LYS C 88 21.93 18.18 9.09
N VAL C 89 21.25 17.33 8.31
CA VAL C 89 21.07 17.52 6.87
C VAL C 89 19.61 17.73 6.56
N TYR C 90 19.33 18.83 5.90
CA TYR C 90 17.98 19.24 5.53
C TYR C 90 17.85 19.32 4.01
N LEU C 91 16.63 19.22 3.50
CA LEU C 91 16.36 19.36 2.07
C LEU C 91 16.09 20.85 1.85
N ALA C 92 16.71 21.41 0.81
CA ALA C 92 16.59 22.82 0.46
C ALA C 92 16.17 22.96 -0.99
N GLN C 93 15.49 24.06 -1.29
CA GLN C 93 15.05 24.34 -2.66
C GLN C 93 15.33 25.80 -2.96
N ASP C 94 16.14 26.07 -4.02
CA ASP C 94 16.45 27.45 -4.46
C ASP C 94 15.15 27.99 -5.01
N ILE C 95 14.74 29.17 -4.57
CA ILE C 95 13.47 29.76 -4.99
C ILE C 95 13.45 30.09 -6.50
N LYS C 96 14.55 30.59 -7.07
CA LYS C 96 14.63 30.91 -8.48
C LYS C 96 14.75 29.67 -9.39
N THR C 97 15.70 28.77 -9.11
CA THR C 97 15.92 27.62 -10.00
C THR C 97 15.08 26.40 -9.66
N LYS C 98 14.44 26.39 -8.47
CA LYS C 98 13.60 25.29 -7.93
C LYS C 98 14.42 24.00 -7.78
N LYS C 99 15.76 24.14 -7.79
CA LYS C 99 16.73 23.07 -7.65
C LYS C 99 16.76 22.61 -6.22
N ARG C 100 16.55 21.31 -6.03
CA ARG C 100 16.56 20.67 -4.72
C ARG C 100 18.01 20.32 -4.39
N MET C 101 18.43 20.69 -3.17
CA MET C 101 19.80 20.50 -2.69
C MET C 101 19.80 20.06 -1.23
N ALA C 102 20.82 19.28 -0.81
CA ALA C 102 20.96 18.97 0.62
C ALA C 102 21.64 20.17 1.28
N CYS C 103 21.14 20.58 2.45
CA CYS C 103 21.72 21.63 3.24
C CYS C 103 22.14 21.08 4.58
N LYS C 104 23.45 21.03 4.80
CA LYS C 104 24.05 20.52 6.02
C LYS C 104 24.42 21.72 6.90
N LEU C 105 23.84 21.76 8.09
CA LEU C 105 24.03 22.83 9.06
C LEU C 105 25.04 22.39 10.09
N ILE C 106 26.18 23.09 10.12
CA ILE C 106 27.28 22.77 11.01
C ILE C 106 27.59 23.94 11.95
N PRO C 107 27.58 23.74 13.29
CA PRO C 107 27.99 24.83 14.19
C PRO C 107 29.47 25.15 13.93
N VAL C 108 29.82 26.44 13.81
CA VAL C 108 31.18 26.94 13.55
C VAL C 108 32.24 26.25 14.45
N ASP C 109 31.93 26.03 15.75
CA ASP C 109 32.81 25.35 16.72
C ASP C 109 33.17 23.91 16.29
N GLN C 110 32.27 23.25 15.56
CA GLN C 110 32.44 21.87 15.06
C GLN C 110 32.89 21.80 13.59
N PHE C 111 33.02 22.96 12.91
CA PHE C 111 33.38 23.00 11.50
C PHE C 111 34.85 22.63 11.21
N LYS C 112 35.02 21.56 10.42
CA LYS C 112 36.30 21.04 9.94
C LYS C 112 36.38 21.38 8.44
N PRO C 113 37.48 22.02 7.96
CA PRO C 113 37.57 22.38 6.53
C PRO C 113 37.42 21.22 5.54
N SER C 114 37.68 19.97 5.96
CA SER C 114 37.55 18.76 5.13
C SER C 114 36.10 18.51 4.69
N ASP C 115 35.13 19.09 5.44
CA ASP C 115 33.70 19.04 5.12
C ASP C 115 33.38 19.81 3.82
N VAL C 116 34.34 20.61 3.32
CA VAL C 116 34.23 21.33 2.05
C VAL C 116 35.40 21.02 1.09
N GLU C 117 36.64 20.87 1.61
CA GLU C 117 37.88 20.65 0.85
C GLU C 117 37.84 19.49 -0.14
N ILE C 118 37.34 18.32 0.28
CA ILE C 118 37.29 17.14 -0.61
C ILE C 118 36.35 17.38 -1.79
N GLN C 119 35.13 17.81 -1.52
CA GLN C 119 34.10 18.06 -2.52
C GLN C 119 34.39 19.24 -3.41
N ALA C 120 35.12 20.26 -2.91
CA ALA C 120 35.49 21.43 -3.70
C ALA C 120 36.65 21.13 -4.65
N CYS C 121 37.65 20.36 -4.17
CA CYS C 121 38.85 19.99 -4.94
C CYS C 121 38.65 18.81 -5.86
N PHE C 122 37.88 17.81 -5.41
CA PHE C 122 37.67 16.56 -6.15
C PHE C 122 36.29 16.40 -6.69
N ARG C 123 36.20 15.96 -7.97
CA ARG C 123 34.90 15.76 -8.64
C ARG C 123 34.79 14.35 -9.22
N HIS C 124 33.66 13.69 -8.94
CA HIS C 124 33.38 12.34 -9.41
C HIS C 124 31.87 12.13 -9.28
N GLU C 125 31.27 11.37 -10.20
CA GLU C 125 29.85 11.01 -10.21
C GLU C 125 29.37 10.34 -8.90
N ASN C 126 30.24 9.58 -8.22
CA ASN C 126 29.90 8.88 -6.98
C ASN C 126 30.31 9.63 -5.70
N ILE C 127 30.68 10.92 -5.85
CA ILE C 127 31.01 11.78 -4.71
C ILE C 127 30.03 12.92 -4.78
N ALA C 128 29.36 13.27 -3.65
CA ALA C 128 28.38 14.35 -3.65
C ALA C 128 29.02 15.69 -3.97
N GLU C 129 28.42 16.41 -4.90
CA GLU C 129 28.89 17.71 -5.35
C GLU C 129 28.60 18.80 -4.31
N LEU C 130 29.51 19.78 -4.19
CA LEU C 130 29.34 20.92 -3.32
C LEU C 130 28.91 22.10 -4.17
N TYR C 131 27.76 22.70 -3.85
CA TYR C 131 27.21 23.83 -4.59
C TYR C 131 27.64 25.19 -4.04
N GLY C 132 27.75 25.28 -2.72
CA GLY C 132 28.12 26.52 -2.05
C GLY C 132 28.10 26.40 -0.54
N ALA C 133 28.72 27.38 0.12
CA ALA C 133 28.83 27.42 1.58
C ALA C 133 28.46 28.82 2.04
N VAL C 134 27.55 28.91 3.02
CA VAL C 134 27.05 30.18 3.54
C VAL C 134 27.17 30.17 5.06
N LEU C 135 27.77 31.23 5.60
CA LEU C 135 27.90 31.41 7.03
C LEU C 135 26.86 32.44 7.49
N TRP C 136 26.03 32.04 8.47
CA TRP C 136 25.07 32.92 9.13
C TRP C 136 24.97 32.54 10.59
N GLY C 137 25.13 33.54 11.43
CA GLY C 137 25.13 33.38 12.88
C GLY C 137 26.39 32.62 13.25
N GLU C 138 26.22 31.51 13.95
CA GLU C 138 27.35 30.66 14.30
C GLU C 138 27.21 29.29 13.59
N THR C 139 26.54 29.30 12.41
CA THR C 139 26.25 28.10 11.61
C THR C 139 26.79 28.22 10.17
N VAL C 140 27.42 27.14 9.71
CA VAL C 140 27.92 26.98 8.34
C VAL C 140 26.86 26.12 7.63
N HIS C 141 26.32 26.64 6.50
CA HIS C 141 25.31 25.97 5.68
C HIS C 141 25.97 25.47 4.41
N LEU C 142 26.08 24.14 4.25
CA LEU C 142 26.69 23.51 3.09
C LEU C 142 25.63 22.99 2.14
N PHE C 143 25.53 23.63 0.97
CA PHE C 143 24.60 23.27 -0.10
C PHE C 143 25.30 22.27 -0.98
N MET C 144 24.71 21.08 -1.10
CA MET C 144 25.28 19.95 -1.80
C MET C 144 24.25 19.24 -2.66
N GLU C 145 24.74 18.30 -3.49
CA GLU C 145 23.94 17.41 -4.30
C GLU C 145 23.05 16.57 -3.33
N ALA C 146 21.73 16.51 -3.63
CA ALA C 146 20.78 15.80 -2.77
C ALA C 146 20.51 14.37 -3.18
N GLY C 147 20.55 13.49 -2.18
CA GLY C 147 20.22 12.08 -2.33
C GLY C 147 18.78 11.94 -1.85
N GLU C 148 17.82 12.31 -2.74
CA GLU C 148 16.38 12.34 -2.46
C GLU C 148 15.74 10.98 -2.17
N GLY C 149 16.44 9.89 -2.47
CA GLY C 149 15.99 8.54 -2.13
C GLY C 149 16.42 8.13 -0.72
N GLY C 150 17.15 9.02 -0.05
CA GLY C 150 17.66 8.80 1.29
C GLY C 150 18.94 7.99 1.29
N SER C 151 19.35 7.53 2.48
CA SER C 151 20.57 6.73 2.61
C SER C 151 20.25 5.24 2.68
N VAL C 152 21.29 4.39 2.63
CA VAL C 152 21.15 2.93 2.72
C VAL C 152 20.56 2.54 4.11
N LEU C 153 20.82 3.36 5.17
CA LEU C 153 20.30 3.09 6.53
C LEU C 153 18.76 3.03 6.62
N GLU C 154 18.06 4.01 6.03
CA GLU C 154 16.59 4.09 6.04
C GLU C 154 16.00 2.91 5.28
N LYS C 155 16.71 2.43 4.22
CA LYS C 155 16.28 1.26 3.46
C LYS C 155 16.32 0.04 4.38
N LEU C 156 17.43 -0.14 5.12
CA LEU C 156 17.64 -1.27 6.03
C LEU C 156 16.72 -1.23 7.25
N GLU C 157 16.49 -0.01 7.79
CA GLU C 157 15.62 0.19 8.95
C GLU C 157 14.15 -0.05 8.66
N SER C 158 13.68 0.24 7.43
CA SER C 158 12.27 0.06 7.04
C SER C 158 11.94 -1.27 6.33
N CYS C 159 12.86 -1.82 5.53
CA CYS C 159 12.65 -3.05 4.75
C CYS C 159 13.36 -4.28 5.27
N GLY C 160 14.37 -4.08 6.08
CA GLY C 160 15.23 -5.17 6.53
C GLY C 160 16.35 -5.35 5.51
N PRO C 161 16.92 -6.57 5.38
CA PRO C 161 18.03 -6.77 4.43
C PRO C 161 17.70 -6.54 2.96
N MET C 162 18.67 -5.98 2.22
CA MET C 162 18.51 -5.76 0.78
C MET C 162 18.72 -7.06 0.02
N ARG C 163 18.09 -7.18 -1.15
CA ARG C 163 18.27 -8.30 -2.07
C ARG C 163 19.69 -8.17 -2.65
N GLU C 164 20.32 -9.29 -3.04
CA GLU C 164 21.68 -9.26 -3.59
C GLU C 164 21.84 -8.34 -4.79
N PHE C 165 20.86 -8.30 -5.72
CA PHE C 165 20.95 -7.40 -6.89
C PHE C 165 21.01 -5.90 -6.48
N GLU C 166 20.35 -5.55 -5.37
CA GLU C 166 20.36 -4.18 -4.84
C GLU C 166 21.72 -3.89 -4.18
N ILE C 167 22.28 -4.89 -3.47
CA ILE C 167 23.59 -4.80 -2.81
C ILE C 167 24.66 -4.63 -3.90
N ILE C 168 24.62 -5.48 -4.96
CA ILE C 168 25.54 -5.43 -6.10
C ILE C 168 25.55 -4.03 -6.74
N TRP C 169 24.35 -3.50 -7.06
CA TRP C 169 24.21 -2.18 -7.68
C TRP C 169 24.80 -1.05 -6.82
N VAL C 170 24.51 -1.07 -5.50
CA VAL C 170 24.99 -0.06 -4.54
C VAL C 170 26.52 -0.17 -4.37
N THR C 171 27.05 -1.37 -4.12
CA THR C 171 28.48 -1.66 -3.95
C THR C 171 29.32 -1.22 -5.16
N LYS C 172 28.82 -1.43 -6.39
CA LYS C 172 29.50 -1.00 -7.62
C LYS C 172 29.69 0.53 -7.68
N HIS C 173 28.70 1.31 -7.21
CA HIS C 173 28.79 2.77 -7.16
C HIS C 173 29.74 3.26 -6.05
N VAL C 174 29.68 2.65 -4.85
CA VAL C 174 30.55 3.01 -3.71
C VAL C 174 32.01 2.72 -4.06
N LEU C 175 32.26 1.57 -4.71
CA LEU C 175 33.59 1.15 -5.14
C LEU C 175 34.18 2.06 -6.17
N LYS C 176 33.37 2.63 -7.10
CA LYS C 176 33.88 3.60 -8.08
C LYS C 176 34.28 4.91 -7.37
N GLY C 177 33.50 5.31 -6.36
CA GLY C 177 33.74 6.48 -5.53
C GLY C 177 35.00 6.34 -4.68
N LEU C 178 35.14 5.16 -4.01
CA LEU C 178 36.31 4.79 -3.20
C LEU C 178 37.55 4.65 -4.06
N ASP C 179 37.43 3.98 -5.23
CA ASP C 179 38.55 3.81 -6.16
C ASP C 179 39.11 5.19 -6.59
N PHE C 180 38.22 6.18 -6.83
CA PHE C 180 38.58 7.56 -7.15
C PHE C 180 39.20 8.27 -5.94
N LEU C 181 38.56 8.20 -4.76
CA LEU C 181 39.10 8.82 -3.54
C LEU C 181 40.49 8.29 -3.18
N HIS C 182 40.66 6.95 -3.21
CA HIS C 182 41.91 6.27 -2.87
C HIS C 182 43.03 6.57 -3.88
N SER C 183 42.67 6.83 -5.16
CA SER C 183 43.61 7.23 -6.23
C SER C 183 44.22 8.58 -5.89
N LYS C 184 43.46 9.39 -5.14
CA LYS C 184 43.82 10.74 -4.73
C LYS C 184 44.39 10.80 -3.31
N LYS C 185 44.63 9.61 -2.71
CA LYS C 185 45.16 9.40 -1.35
C LYS C 185 44.20 9.95 -0.25
N VAL C 186 42.88 9.87 -0.51
CA VAL C 186 41.85 10.32 0.43
C VAL C 186 41.26 9.10 1.15
N ILE C 187 41.27 9.13 2.49
CA ILE C 187 40.61 8.11 3.30
C ILE C 187 39.31 8.79 3.72
N HIS C 188 38.17 8.18 3.39
CA HIS C 188 36.86 8.71 3.76
C HIS C 188 36.70 8.73 5.28
N HIS C 189 37.08 7.62 5.95
CA HIS C 189 37.08 7.38 7.41
C HIS C 189 35.73 7.06 8.03
N ASP C 190 34.62 7.14 7.29
CA ASP C 190 33.32 6.83 7.88
C ASP C 190 32.35 6.20 6.86
N ILE C 191 32.80 5.12 6.20
CA ILE C 191 32.00 4.35 5.25
C ILE C 191 31.03 3.52 6.07
N LYS C 192 29.72 3.77 5.89
CA LYS C 192 28.62 3.13 6.62
C LYS C 192 27.30 3.38 5.87
N PRO C 193 26.19 2.65 6.18
CA PRO C 193 24.94 2.85 5.40
C PRO C 193 24.42 4.28 5.30
N SER C 194 24.47 5.06 6.41
CA SER C 194 23.96 6.44 6.44
C SER C 194 24.75 7.42 5.54
N ASN C 195 25.99 7.05 5.15
CA ASN C 195 26.85 7.87 4.28
C ASN C 195 26.86 7.44 2.78
N ILE C 196 25.91 6.55 2.41
CA ILE C 196 25.70 6.08 1.05
C ILE C 196 24.26 6.49 0.69
N VAL C 197 24.11 7.46 -0.25
CA VAL C 197 22.78 7.98 -0.56
C VAL C 197 22.31 7.66 -1.98
N PHE C 198 20.97 7.54 -2.15
CA PHE C 198 20.34 7.22 -3.42
C PHE C 198 19.89 8.42 -4.21
N MET C 199 20.36 8.49 -5.44
CA MET C 199 19.99 9.50 -6.43
C MET C 199 19.21 8.71 -7.49
N SER C 200 18.49 9.39 -8.39
CA SER C 200 17.67 8.75 -9.43
C SER C 200 18.36 7.63 -10.23
N THR C 201 19.65 7.80 -10.57
CA THR C 201 20.38 6.85 -11.42
C THR C 201 21.69 6.32 -10.83
N LYS C 202 22.00 6.69 -9.59
CA LYS C 202 23.26 6.31 -8.95
C LYS C 202 23.19 6.36 -7.42
N ALA C 203 24.20 5.75 -6.78
CA ALA C 203 24.44 5.77 -5.34
C ALA C 203 25.69 6.65 -5.17
N VAL C 204 25.71 7.48 -4.13
CA VAL C 204 26.77 8.47 -3.94
C VAL C 204 27.29 8.49 -2.51
N LEU C 205 28.60 8.81 -2.34
CA LEU C 205 29.25 8.95 -1.04
C LEU C 205 29.08 10.37 -0.51
N VAL C 206 28.71 10.48 0.79
CA VAL C 206 28.53 11.76 1.45
C VAL C 206 29.38 11.84 2.75
N ASP C 207 29.48 13.04 3.35
CA ASP C 207 30.15 13.37 4.61
C ASP C 207 31.65 13.14 4.61
N PHE C 208 32.39 14.23 4.42
CA PHE C 208 33.84 14.24 4.35
C PHE C 208 34.47 14.95 5.54
N GLY C 209 33.68 15.14 6.58
CA GLY C 209 34.10 15.78 7.83
C GLY C 209 35.22 15.06 8.56
N LEU C 210 35.32 13.72 8.38
CA LEU C 210 36.38 12.92 9.04
C LEU C 210 37.45 12.46 8.05
N SER C 211 37.31 12.81 6.76
CA SER C 211 38.26 12.42 5.72
C SER C 211 39.64 13.07 5.89
N VAL C 212 40.69 12.36 5.44
CA VAL C 212 42.08 12.85 5.48
C VAL C 212 42.77 12.68 4.15
N GLN C 213 43.65 13.63 3.82
CA GLN C 213 44.47 13.59 2.62
C GLN C 213 45.84 13.11 3.03
N MET C 214 46.18 11.88 2.64
CA MET C 214 47.46 11.25 2.96
C MET C 214 48.58 11.92 2.17
N THR C 215 49.75 12.04 2.80
CA THR C 215 50.96 12.62 2.20
C THR C 215 52.04 11.55 2.10
N GLU C 216 51.89 10.50 2.91
CA GLU C 216 52.77 9.32 2.96
C GLU C 216 51.93 8.06 2.67
N ASP C 217 52.59 6.90 2.58
CA ASP C 217 51.94 5.60 2.30
C ASP C 217 51.15 5.13 3.53
N VAL C 218 51.50 5.66 4.72
CA VAL C 218 50.85 5.35 5.99
C VAL C 218 50.41 6.65 6.65
N TYR C 219 49.17 6.66 7.15
CA TYR C 219 48.62 7.82 7.85
C TYR C 219 48.63 7.50 9.36
N PHE C 220 49.25 8.38 10.15
CA PHE C 220 49.33 8.22 11.59
C PHE C 220 48.27 9.10 12.26
N PRO C 221 47.20 8.48 12.82
CA PRO C 221 46.11 9.27 13.40
C PRO C 221 46.47 10.05 14.66
N LYS C 222 45.89 11.25 14.80
CA LYS C 222 46.05 12.13 15.95
C LYS C 222 45.00 11.78 16.99
N ASP C 223 43.83 11.31 16.53
CA ASP C 223 42.66 10.94 17.32
C ASP C 223 42.03 9.65 16.75
N LEU C 224 40.96 9.16 17.40
CA LEU C 224 40.21 7.99 16.95
C LEU C 224 38.97 8.50 16.21
N ARG C 225 38.90 8.23 14.89
CA ARG C 225 37.84 8.66 13.99
C ARG C 225 37.04 7.50 13.45
N GLY C 226 35.73 7.73 13.29
CA GLY C 226 34.80 6.76 12.70
C GLY C 226 33.74 6.24 13.64
N THR C 227 32.87 5.38 13.10
CA THR C 227 31.80 4.70 13.80
C THR C 227 32.38 3.33 14.14
N GLU C 228 32.49 3.04 15.45
CA GLU C 228 33.08 1.81 16.02
C GLU C 228 32.63 0.51 15.37
N ILE C 229 31.32 0.34 15.10
CA ILE C 229 30.75 -0.89 14.51
C ILE C 229 31.41 -1.23 13.13
N TYR C 230 31.75 -0.20 12.34
CA TYR C 230 32.33 -0.33 10.99
C TYR C 230 33.84 -0.10 10.95
N MET C 231 34.44 0.08 12.12
CA MET C 231 35.85 0.37 12.32
C MET C 231 36.76 -0.87 12.20
N SER C 232 37.85 -0.74 11.43
CA SER C 232 38.84 -1.80 11.23
C SER C 232 39.74 -1.94 12.48
N PRO C 233 40.37 -3.12 12.70
CA PRO C 233 41.27 -3.26 13.87
C PRO C 233 42.45 -2.30 13.85
N GLU C 234 42.99 -1.97 12.66
CA GLU C 234 44.15 -1.06 12.55
C GLU C 234 43.78 0.40 12.88
N VAL C 235 42.51 0.80 12.68
CA VAL C 235 42.04 2.15 13.06
C VAL C 235 41.95 2.23 14.58
N ILE C 236 41.38 1.18 15.22
CA ILE C 236 41.24 1.05 16.68
C ILE C 236 42.63 1.13 17.36
N LEU C 237 43.66 0.46 16.79
CA LEU C 237 45.02 0.44 17.31
C LEU C 237 45.72 1.80 17.34
N CYS C 238 45.38 2.73 16.40
CA CYS C 238 45.97 4.07 16.28
C CYS C 238 47.51 4.05 16.04
N ARG C 239 48.03 2.96 15.46
CA ARG C 239 49.45 2.81 15.16
C ARG C 239 49.77 3.14 13.69
N GLY C 240 48.75 3.57 12.96
CA GLY C 240 48.87 3.92 11.55
C GLY C 240 48.08 3.01 10.64
N HIS C 241 47.43 3.61 9.63
CA HIS C 241 46.59 2.90 8.67
C HIS C 241 46.57 3.62 7.31
N SER C 242 45.77 3.10 6.35
CA SER C 242 45.70 3.70 5.02
C SER C 242 44.27 3.66 4.46
N THR C 243 44.15 3.74 3.13
CA THR C 243 42.88 3.73 2.40
C THR C 243 42.15 2.39 2.59
N LYS C 244 42.92 1.31 2.89
CA LYS C 244 42.40 -0.05 3.15
C LYS C 244 41.40 -0.07 4.33
N ALA C 245 41.48 0.94 5.22
CA ALA C 245 40.56 1.11 6.36
C ALA C 245 39.12 1.23 5.85
N ASP C 246 38.89 1.94 4.71
CA ASP C 246 37.58 2.11 4.07
C ASP C 246 37.04 0.84 3.46
N ILE C 247 37.95 -0.07 3.03
CA ILE C 247 37.60 -1.36 2.42
C ILE C 247 36.95 -2.27 3.48
N TYR C 248 37.53 -2.31 4.69
CA TYR C 248 36.98 -3.07 5.82
C TYR C 248 35.62 -2.47 6.19
N SER C 249 35.52 -1.11 6.29
CA SER C 249 34.26 -0.43 6.63
C SER C 249 33.15 -0.80 5.67
N LEU C 250 33.51 -0.98 4.37
CA LEU C 250 32.60 -1.41 3.32
C LEU C 250 32.13 -2.84 3.59
N GLY C 251 33.04 -3.72 4.01
CA GLY C 251 32.72 -5.10 4.38
C GLY C 251 31.72 -5.18 5.53
N ALA C 252 31.91 -4.31 6.54
CA ALA C 252 31.01 -4.21 7.71
C ALA C 252 29.64 -3.64 7.28
N THR C 253 29.63 -2.70 6.30
CA THR C 253 28.44 -2.10 5.69
C THR C 253 27.68 -3.20 4.89
N LEU C 254 28.43 -4.07 4.16
CA LEU C 254 27.90 -5.19 3.39
C LEU C 254 27.17 -6.20 4.29
N ILE C 255 27.72 -6.51 5.50
CA ILE C 255 27.05 -7.39 6.48
C ILE C 255 25.71 -6.77 6.90
N HIS C 256 25.70 -5.45 7.20
CA HIS C 256 24.49 -4.74 7.59
C HIS C 256 23.43 -4.78 6.47
N MET C 257 23.85 -4.61 5.20
CA MET C 257 22.99 -4.63 4.01
C MET C 257 22.37 -6.01 3.73
N GLN C 258 23.18 -7.08 3.88
CA GLN C 258 22.79 -8.46 3.62
C GLN C 258 21.91 -9.07 4.71
N THR C 259 22.12 -8.68 5.98
CA THR C 259 21.37 -9.20 7.14
C THR C 259 20.27 -8.26 7.68
N GLY C 260 20.40 -6.96 7.42
CA GLY C 260 19.48 -5.94 7.92
C GLY C 260 19.84 -5.47 9.31
N THR C 261 20.90 -6.04 9.91
CA THR C 261 21.38 -5.72 11.25
C THR C 261 22.87 -5.42 11.17
N PRO C 262 23.38 -4.36 11.86
CA PRO C 262 24.83 -4.09 11.82
C PRO C 262 25.62 -5.21 12.50
N PRO C 263 26.88 -5.49 12.11
CA PRO C 263 27.64 -6.53 12.82
C PRO C 263 27.86 -6.16 14.29
N TRP C 264 28.23 -7.15 15.15
CA TRP C 264 28.52 -7.02 16.60
C TRP C 264 27.31 -6.82 17.52
N VAL C 265 26.24 -6.15 17.05
CA VAL C 265 25.05 -5.84 17.87
C VAL C 265 24.35 -7.09 18.48
N LYS C 266 24.09 -8.14 17.68
CA LYS C 266 23.40 -9.34 18.17
C LYS C 266 24.27 -10.20 19.09
N ARG C 267 25.54 -10.43 18.69
CA ARG C 267 26.46 -11.25 19.48
C ARG C 267 26.97 -10.55 20.73
N TYR C 268 27.24 -9.22 20.63
CA TYR C 268 27.77 -8.44 21.73
C TYR C 268 26.94 -7.18 22.04
N PRO C 269 25.71 -7.30 22.58
CA PRO C 269 24.95 -6.08 22.93
C PRO C 269 25.66 -5.25 24.02
N ARG C 270 25.55 -3.92 23.93
CA ARG C 270 26.17 -3.01 24.89
C ARG C 270 25.14 -2.52 25.90
N SER C 271 25.47 -2.65 27.18
CA SER C 271 24.63 -2.20 28.27
C SER C 271 25.46 -1.26 29.16
N ALA C 272 26.10 -1.79 30.23
CA ALA C 272 26.92 -1.00 31.17
C ALA C 272 28.12 -0.31 30.49
N TYR C 273 28.74 -1.00 29.52
CA TYR C 273 29.91 -0.53 28.80
C TYR C 273 29.63 -0.36 27.31
N PRO C 274 29.43 0.90 26.85
CA PRO C 274 29.07 1.12 25.44
C PRO C 274 30.17 0.86 24.39
N SER C 275 31.45 0.84 24.80
CA SER C 275 32.55 0.65 23.85
C SER C 275 32.66 -0.75 23.25
N TYR C 276 32.96 -0.79 21.93
CA TYR C 276 33.16 -1.99 21.13
C TYR C 276 34.65 -2.15 20.82
N LEU C 277 35.49 -1.15 21.20
CA LEU C 277 36.93 -1.10 20.89
C LEU C 277 37.70 -2.37 21.25
N TYR C 278 37.48 -2.92 22.48
CA TYR C 278 38.15 -4.14 22.93
C TYR C 278 37.64 -5.38 22.19
N ILE C 279 36.31 -5.50 22.02
CA ILE C 279 35.66 -6.63 21.35
C ILE C 279 36.06 -6.74 19.88
N ILE C 280 36.09 -5.62 19.14
CA ILE C 280 36.42 -5.61 17.72
C ILE C 280 37.93 -5.90 17.54
N HIS C 281 38.78 -5.31 18.38
CA HIS C 281 40.22 -5.57 18.31
C HIS C 281 40.51 -7.06 18.54
N LYS C 282 39.83 -7.71 19.50
CA LYS C 282 40.05 -9.11 19.76
C LYS C 282 39.33 -10.07 18.80
N GLN C 283 38.13 -9.73 18.31
CA GLN C 283 37.35 -10.68 17.52
C GLN C 283 37.14 -10.37 16.03
N ALA C 284 37.61 -9.22 15.49
CA ALA C 284 37.42 -8.92 14.07
C ALA C 284 38.24 -9.87 13.18
N PRO C 285 37.76 -10.29 11.98
CA PRO C 285 36.51 -9.91 11.29
C PRO C 285 35.23 -10.52 11.86
N PRO C 286 34.06 -9.81 11.76
CA PRO C 286 32.80 -10.39 12.26
C PRO C 286 32.12 -11.30 11.23
N LEU C 287 32.85 -12.34 10.76
CA LEU C 287 32.38 -13.30 9.76
C LEU C 287 31.11 -14.07 10.19
N GLU C 288 30.98 -14.36 11.50
CA GLU C 288 29.82 -15.03 12.10
C GLU C 288 28.49 -14.27 11.86
N ASP C 289 28.58 -12.95 11.60
CA ASP C 289 27.42 -12.09 11.40
C ASP C 289 26.86 -12.16 9.95
N ILE C 290 27.59 -12.81 9.03
CA ILE C 290 27.12 -13.04 7.64
C ILE C 290 26.00 -14.10 7.74
N ALA C 291 24.82 -13.79 7.17
CA ALA C 291 23.66 -14.69 7.20
C ALA C 291 23.84 -15.92 6.31
N ASP C 292 23.07 -17.00 6.60
CA ASP C 292 23.11 -18.26 5.86
C ASP C 292 22.52 -18.14 4.45
N ASP C 293 21.61 -17.15 4.22
CA ASP C 293 20.97 -16.86 2.93
C ASP C 293 21.93 -16.18 1.93
N CYS C 294 23.18 -15.89 2.37
CA CYS C 294 24.23 -15.25 1.58
C CYS C 294 24.77 -16.22 0.49
N SER C 295 24.92 -15.72 -0.75
CA SER C 295 25.43 -16.51 -1.87
C SER C 295 26.96 -16.74 -1.76
N PRO C 296 27.54 -17.81 -2.38
CA PRO C 296 28.99 -18.03 -2.26
C PRO C 296 29.86 -16.87 -2.76
N GLY C 297 29.43 -16.24 -3.87
CA GLY C 297 30.12 -15.09 -4.46
C GLY C 297 30.13 -13.89 -3.53
N MET C 298 28.94 -13.52 -2.98
CA MET C 298 28.76 -12.42 -2.04
C MET C 298 29.57 -12.65 -0.77
N ARG C 299 29.56 -13.90 -0.25
CA ARG C 299 30.31 -14.31 0.94
C ARG C 299 31.83 -14.11 0.74
N GLU C 300 32.37 -14.53 -0.43
CA GLU C 300 33.78 -14.37 -0.81
C GLU C 300 34.17 -12.88 -0.83
N LEU C 301 33.29 -12.01 -1.37
CA LEU C 301 33.45 -10.57 -1.46
C LEU C 301 33.53 -9.93 -0.07
N ILE C 302 32.60 -10.30 0.83
CA ILE C 302 32.54 -9.79 2.20
C ILE C 302 33.78 -10.24 2.98
N GLU C 303 34.17 -11.53 2.85
CA GLU C 303 35.33 -12.08 3.53
C GLU C 303 36.64 -11.40 3.10
N ALA C 304 36.81 -11.16 1.78
CA ALA C 304 37.99 -10.48 1.22
C ALA C 304 38.04 -9.02 1.73
N SER C 305 36.89 -8.32 1.74
CA SER C 305 36.77 -6.94 2.24
C SER C 305 37.12 -6.85 3.72
N LEU C 306 36.72 -7.86 4.51
CA LEU C 306 36.92 -7.89 5.97
C LEU C 306 38.21 -8.57 6.45
N GLU C 307 39.22 -8.78 5.58
CA GLU C 307 40.51 -9.38 5.96
C GLU C 307 41.13 -8.59 7.12
N ARG C 308 41.56 -9.31 8.18
CA ARG C 308 42.14 -8.67 9.36
C ARG C 308 43.39 -7.86 9.06
N ASN C 309 44.31 -8.44 8.27
CA ASN C 309 45.53 -7.79 7.83
C ASN C 309 45.11 -6.88 6.64
N PRO C 310 45.32 -5.54 6.69
CA PRO C 310 44.92 -4.69 5.54
C PRO C 310 45.66 -4.97 4.23
N ASN C 311 46.78 -5.71 4.30
CA ASN C 311 47.58 -6.08 3.13
C ASN C 311 46.85 -7.18 2.33
N HIS C 312 46.16 -8.10 3.04
CA HIS C 312 45.41 -9.20 2.43
C HIS C 312 44.09 -8.66 1.86
N ARG C 313 43.75 -7.44 2.29
CA ARG C 313 42.57 -6.71 1.87
C ARG C 313 42.76 -6.14 0.47
N PRO C 314 41.84 -6.49 -0.44
CA PRO C 314 41.92 -5.96 -1.81
C PRO C 314 41.64 -4.46 -1.91
N ARG C 315 42.11 -3.84 -3.00
CA ARG C 315 41.84 -2.43 -3.27
C ARG C 315 40.44 -2.34 -3.85
N ALA C 316 39.84 -1.14 -3.86
CA ALA C 316 38.53 -0.90 -4.43
C ALA C 316 38.53 -1.31 -5.93
N ALA C 317 39.65 -1.02 -6.64
CA ALA C 317 39.87 -1.39 -8.05
C ALA C 317 39.78 -2.92 -8.25
N ASP C 318 40.36 -3.69 -7.30
CA ASP C 318 40.35 -5.15 -7.30
C ASP C 318 38.96 -5.71 -7.04
N LEU C 319 38.22 -5.12 -6.06
CA LEU C 319 36.85 -5.55 -5.71
C LEU C 319 35.85 -5.37 -6.84
N LEU C 320 36.04 -4.34 -7.70
CA LEU C 320 35.21 -4.09 -8.87
C LEU C 320 35.29 -5.24 -9.91
N LYS C 321 36.42 -5.97 -9.92
CA LYS C 321 36.67 -7.09 -10.83
C LYS C 321 36.13 -8.44 -10.28
N HIS C 322 35.64 -8.48 -9.01
CA HIS C 322 35.11 -9.69 -8.37
C HIS C 322 33.92 -10.29 -9.11
N GLU C 323 33.81 -11.62 -9.11
CA GLU C 323 32.75 -12.41 -9.77
C GLU C 323 31.34 -12.03 -9.30
N ALA C 324 31.18 -11.76 -8.00
CA ALA C 324 29.91 -11.40 -7.35
C ALA C 324 29.28 -10.10 -7.88
N LEU C 325 30.08 -9.21 -8.47
CA LEU C 325 29.61 -7.92 -8.99
C LEU C 325 29.60 -7.86 -10.52
N ASN C 326 29.79 -9.01 -11.20
CA ASN C 326 29.84 -9.09 -12.66
C ASN C 326 29.01 -10.25 -13.24
N PRO C 327 28.50 -10.16 -14.50
CA PRO C 327 27.70 -11.28 -15.06
C PRO C 327 28.48 -12.58 -15.25
#